data_3EPF
#
_entry.id   3EPF
#
_cell.length_a   1.000
_cell.length_b   1.000
_cell.length_c   1.000
_cell.angle_alpha   90.00
_cell.angle_beta   90.00
_cell.angle_gamma   90.00
#
_symmetry.space_group_name_H-M   'P 1'
#
loop_
_entity.id
_entity.type
_entity.pdbx_description
1 polymer 'Poliovirus receptor'
2 polymer 'Protein VP1'
3 polymer 'Protein VP2'
4 polymer 'Protein VP4'
5 polymer 'Protein VP3'
6 non-polymer 1[2-CHLORO-4-METHOXY-PHENYL-OXYMETHYL]-4-[2,6-DICHLORO-PHENYL-OXYMETHYL]-BENZENE
7 non-polymer 'MYRISTIC ACID'
8 water water
#
loop_
_entity_poly.entity_id
_entity_poly.type
_entity_poly.pdbx_seq_one_letter_code
_entity_poly.pdbx_strand_id
1 'polypeptide(L)'
;VVQAPTQVPGFLGDSVTLPCYLQVPNMEVTHVSQLTWARHGESGSMAVFHQTQGPSYSESKRLEFVAARLGAELRDASLR
MFGLRVEDEGSYTCLFVTFPQGSRSVDIWLRVLAKPQNTAEVQKVQLTGEPVPMARCVSTGGRPPAQITWHSDLGGMPQT
SQVPGFLSGTVTVTSLWILVPSSQVDGKQVTCKVEHESFEKPQLLTVSLTVYY
;
R
2 'polypeptide(L)'
;ANNLPDTQSSGPAHSKETPALTAVETGATNPLVPSDTVQTRHVIQKRTRSESTVESFFARGACVAIIEVDNDAPTKRASK
LFSVWKITYKDTVQLRRKLEFFTYSRFDMEFTFVVTSNYTDANNGHALNQVYQIMYIPPGAPIPGKWNDYTWQTSSNPSV
FYTYGAPPARISVPYVGIANAYSHFYDGFAKVPLAGQASTEGDSLYGAASLNDFGSLAVRVVNDHNPTKLTSKIRVYMKP
KHVRVWCPRPPRAVPYYGPGVDYKDGLAPLPGKGLTTY
;
1
3 'polypeptide(L)'
;SVRVMQLTLGNSTITTQEAANSVVAYGRWPEYIKDSEANPVDQPTEPDVAACRFYTLDTVTWRKESRGWWWKLPDALKDM
GLFGQNMFYHYLGRAGYTVHVQCNASKFHQGALGVFAVPEMCLAGDSTTHMFTKYENANPGEKGGEFKGSFTLDTNATNP
ARNFCPVDYLFGSGVLAGNAFVYPHQIINLRTNNCATLVLPYVNSLSIDSMTKHNNWGIAILPLAPLDFATESSTEIPIT
LTIAPMCCEFNGLRNITVPRTQ
;
2
4 'polypeptide(L)' GAQVSSQKVGAHENSNRAYGGSTINYTTINYYRDSASNAASKQDFAQDPSKFTEPIKDVLIKTAPTLN 4
5 'polypeptide(L)'
;GLPVLNTPGSNQYLTADNYQSPCAIPEFDVTPPIDIPGEVRNMMELAEIDTMIPLNLTNQRKNTMDMYRVELNDAAHSDT
PILCLSLSPASDPRLAHTMLGEILNYYTHWAGSLKFTFLFCGSMMATGKLLVSYAPPGAEAPKSRKEAMLGTHVIWDIGL
QSSCTMVVPWISNTTYRQTINDSFTEGGYISMFYQTRVVVPLSTPRKMDILGFVSACNDFSVRLLRDTTHISQEA
;
3
#
# COMPACT_ATOMS: atom_id res chain seq x y z
N VAL A 1 -13.08 -13.57 17.22
CA VAL A 1 -12.25 -14.69 17.76
C VAL A 1 -11.79 -15.63 16.63
N VAL A 2 -10.72 -16.37 16.89
CA VAL A 2 -10.15 -17.30 15.91
C VAL A 2 -10.67 -18.73 16.08
N GLN A 3 -11.29 -19.25 15.01
CA GLN A 3 -11.80 -20.63 15.01
C GLN A 3 -11.50 -21.34 13.69
N ALA A 4 -10.21 -21.51 13.40
CA ALA A 4 -9.76 -22.18 12.19
C ALA A 4 -9.80 -23.70 12.34
N PRO A 5 -10.50 -24.39 11.44
CA PRO A 5 -10.63 -25.85 11.48
C PRO A 5 -9.58 -26.62 10.68
N THR A 6 -8.70 -25.90 9.98
CA THR A 6 -7.80 -26.47 9.00
C THR A 6 -6.73 -27.39 9.58
N GLN A 7 -7.07 -28.67 9.68
CA GLN A 7 -6.12 -29.71 10.00
C GLN A 7 -6.38 -30.80 8.96
N VAL A 8 -5.91 -30.54 7.75
CA VAL A 8 -6.45 -31.20 6.56
C VAL A 8 -5.53 -32.16 5.79
N PRO A 9 -5.95 -33.43 5.68
CA PRO A 9 -5.54 -34.26 4.56
C PRO A 9 -6.59 -34.09 3.45
N GLY A 10 -6.25 -33.38 2.37
CA GLY A 10 -4.90 -32.90 2.11
C GLY A 10 -4.37 -33.65 0.90
N PHE A 11 -5.26 -34.44 0.30
CA PHE A 11 -4.95 -35.40 -0.77
C PHE A 11 -3.99 -34.92 -1.86
N LEU A 12 -3.08 -35.82 -2.25
CA LEU A 12 -2.04 -35.52 -3.23
C LEU A 12 -2.37 -36.09 -4.61
N GLY A 13 -1.65 -35.60 -5.62
CA GLY A 13 -1.92 -35.93 -7.02
C GLY A 13 -1.50 -34.75 -7.90
N ASP A 14 -2.12 -33.59 -7.68
CA ASP A 14 -3.19 -33.41 -6.70
C ASP A 14 -4.57 -33.19 -7.37
N SER A 15 -5.41 -32.22 -6.96
CA SER A 15 -5.12 -31.18 -5.97
C SER A 15 -6.33 -30.91 -5.07
N VAL A 16 -6.06 -30.37 -3.88
CA VAL A 16 -7.11 -29.98 -2.93
C VAL A 16 -6.86 -28.59 -2.35
N THR A 17 -7.84 -28.07 -1.61
CA THR A 17 -7.79 -26.72 -1.04
C THR A 17 -7.14 -26.69 0.35
N LEU A 18 -6.67 -25.50 0.73
CA LEU A 18 -6.19 -25.24 2.08
C LEU A 18 -7.01 -24.09 2.69
N PRO A 19 -8.13 -24.43 3.35
CA PRO A 19 -9.10 -23.43 3.82
C PRO A 19 -8.64 -22.67 5.07
N CYS A 20 -9.36 -21.62 5.41
CA CYS A 20 -9.14 -20.87 6.66
C CYS A 20 -10.42 -20.13 7.06
N TYR A 21 -11.09 -20.65 8.08
CA TYR A 21 -12.35 -20.07 8.53
C TYR A 21 -12.16 -19.30 9.84
N LEU A 22 -12.59 -18.04 9.84
CA LEU A 22 -12.58 -17.25 11.05
C LEU A 22 -13.97 -16.66 11.29
N GLN A 23 -14.82 -17.46 11.93
CA GLN A 23 -16.18 -17.06 12.26
C GLN A 23 -16.15 -15.87 13.22
N VAL A 24 -16.93 -14.84 12.89
CA VAL A 24 -16.86 -13.57 13.61
C VAL A 24 -18.01 -13.35 14.60
N PRO A 25 -17.69 -13.34 15.90
CA PRO A 25 -18.60 -12.76 16.88
C PRO A 25 -18.62 -11.25 16.65
N ASN A 26 -19.77 -10.57 16.65
CA ASN A 26 -21.13 -11.06 16.99
C ASN A 26 -21.86 -9.82 17.47
N MET A 27 -21.07 -8.80 17.79
CA MET A 27 -21.54 -7.45 18.07
C MET A 27 -20.39 -6.43 18.11
N GLU A 28 -19.15 -6.93 18.05
CA GLU A 28 -17.97 -6.09 17.84
C GLU A 28 -17.19 -6.53 16.58
N VAL A 29 -17.87 -6.42 15.44
CA VAL A 29 -17.40 -6.93 14.14
C VAL A 29 -16.06 -6.33 13.67
N THR A 30 -15.34 -7.13 12.87
CA THR A 30 -13.93 -6.88 12.56
C THR A 30 -13.63 -6.22 11.19
N HIS A 31 -12.86 -5.14 11.25
CA HIS A 31 -12.07 -4.62 10.13
C HIS A 31 -10.71 -4.31 10.74
N VAL A 32 -9.65 -4.00 9.98
CA VAL A 32 -9.65 -3.77 8.52
C VAL A 32 -9.92 -5.05 7.71
N SER A 33 -9.47 -6.18 8.25
CA SER A 33 -9.67 -7.50 7.66
C SER A 33 -8.88 -7.74 6.36
N GLN A 34 -7.56 -7.56 6.45
CA GLN A 34 -6.65 -8.10 5.45
C GLN A 34 -6.24 -9.48 5.96
N LEU A 35 -5.99 -10.41 5.05
CA LEU A 35 -5.60 -11.77 5.44
C LEU A 35 -4.23 -12.16 4.93
N THR A 36 -3.40 -12.64 5.86
CA THR A 36 -2.03 -13.07 5.57
C THR A 36 -1.85 -14.56 5.82
N TRP A 37 -1.08 -15.22 4.95
CA TRP A 37 -0.70 -16.61 5.12
C TRP A 37 0.82 -16.73 5.09
N ALA A 38 1.41 -17.25 6.16
CA ALA A 38 2.85 -17.48 6.20
C ALA A 38 3.16 -18.98 6.27
N ARG A 39 4.04 -19.45 5.38
CA ARG A 39 4.40 -20.86 5.33
C ARG A 39 5.39 -21.23 6.43
N HIS A 40 5.67 -22.52 6.59
CA HIS A 40 6.46 -23.01 7.71
C HIS A 40 7.26 -24.29 7.38
N GLY A 41 8.26 -24.22 6.50
CA GLY A 41 8.60 -23.02 5.74
C GLY A 41 9.89 -22.34 6.13
N GLU A 42 10.83 -22.28 5.19
CA GLU A 42 12.00 -21.43 5.33
C GLU A 42 11.54 -20.00 5.04
N SER A 43 10.92 -19.39 6.06
CA SER A 43 10.26 -18.10 5.91
C SER A 43 11.18 -16.95 6.26
N GLY A 44 11.82 -16.39 5.22
CA GLY A 44 12.63 -15.18 5.36
C GLY A 44 12.42 -14.23 4.20
N SER A 45 11.20 -13.70 4.05
CA SER A 45 10.07 -13.96 4.93
C SER A 45 8.76 -14.07 4.14
N MET A 46 8.74 -14.90 3.10
CA MET A 46 7.60 -14.94 2.18
C MET A 46 7.32 -16.22 1.39
N ALA A 47 6.05 -16.61 1.41
CA ALA A 47 5.39 -17.47 0.41
C ALA A 47 3.91 -17.24 0.71
N VAL A 48 3.52 -15.98 0.52
CA VAL A 48 2.40 -15.40 1.27
C VAL A 48 1.14 -15.12 0.46
N PHE A 49 0.00 -15.46 1.06
CA PHE A 49 -1.28 -14.94 0.63
C PHE A 49 -1.55 -13.69 1.45
N HIS A 50 -1.38 -12.53 0.83
CA HIS A 50 -1.84 -11.29 1.45
C HIS A 50 -2.88 -10.58 0.59
N GLN A 51 -3.83 -9.94 1.26
CA GLN A 51 -5.03 -9.46 0.62
C GLN A 51 -5.45 -8.13 1.24
N THR A 52 -4.98 -7.02 0.68
CA THR A 52 -5.29 -5.69 1.20
C THR A 52 -6.61 -5.17 0.63
N GLN A 53 -6.65 -4.96 -0.68
CA GLN A 53 -7.88 -4.68 -1.39
C GLN A 53 -7.98 -5.70 -2.52
N GLY A 54 -7.06 -5.61 -3.48
CA GLY A 54 -6.90 -6.64 -4.50
C GLY A 54 -5.97 -7.73 -3.98
N PRO A 55 -6.35 -9.00 -4.18
CA PRO A 55 -5.55 -10.14 -3.70
C PRO A 55 -4.15 -10.16 -4.31
N SER A 56 -3.14 -10.15 -3.44
CA SER A 56 -1.74 -10.10 -3.87
C SER A 56 -1.05 -11.45 -3.68
N TYR A 57 -0.50 -11.96 -4.78
CA TYR A 57 0.25 -13.21 -4.77
C TYR A 57 1.72 -12.95 -4.44
N SER A 58 2.10 -13.17 -3.18
CA SER A 58 3.52 -13.18 -2.82
C SER A 58 4.10 -14.48 -3.38
N GLU A 59 5.21 -14.34 -4.12
CA GLU A 59 5.54 -15.29 -5.17
C GLU A 59 5.75 -16.76 -4.82
N SER A 60 4.64 -17.49 -4.88
CA SER A 60 4.63 -18.94 -5.04
C SER A 60 3.64 -19.19 -6.17
N LYS A 61 4.14 -19.14 -7.41
CA LYS A 61 3.33 -19.17 -8.64
C LYS A 61 2.17 -20.16 -8.64
N ARG A 62 2.33 -21.25 -7.88
CA ARG A 62 1.37 -22.34 -7.83
C ARG A 62 0.30 -22.10 -6.76
N LEU A 63 -0.47 -21.04 -6.90
CA LEU A 63 -1.51 -20.68 -5.92
C LEU A 63 -2.83 -20.26 -6.54
N GLU A 64 -3.91 -20.52 -5.81
CA GLU A 64 -5.26 -20.07 -6.16
C GLU A 64 -5.94 -19.48 -4.93
N PHE A 65 -6.39 -18.24 -5.05
CA PHE A 65 -7.07 -17.56 -3.94
C PHE A 65 -8.55 -17.35 -4.26
N VAL A 66 -9.41 -17.89 -3.40
CA VAL A 66 -10.86 -17.75 -3.58
C VAL A 66 -11.59 -17.18 -2.36
N ALA A 67 -11.63 -15.84 -2.32
CA ALA A 67 -12.40 -15.10 -1.33
C ALA A 67 -13.11 -13.95 -2.02
N ALA A 68 -14.27 -13.57 -1.51
CA ALA A 68 -15.03 -12.44 -2.06
C ALA A 68 -14.31 -11.13 -1.73
N ARG A 69 -13.21 -10.88 -2.44
CA ARG A 69 -12.33 -9.76 -2.12
C ARG A 69 -12.61 -8.49 -2.94
N LEU A 70 -11.59 -7.65 -3.07
CA LEU A 70 -11.69 -6.25 -3.54
C LEU A 70 -12.82 -5.41 -2.90
N GLY A 71 -13.85 -6.08 -2.38
CA GLY A 71 -14.85 -5.46 -1.54
C GLY A 71 -14.55 -5.76 -0.09
N ALA A 72 -15.27 -6.75 0.46
CA ALA A 72 -15.09 -7.24 1.83
C ALA A 72 -16.04 -8.42 2.10
N GLU A 73 -15.91 -9.08 3.26
CA GLU A 73 -16.92 -10.08 3.69
C GLU A 73 -17.32 -10.21 5.19
N LEU A 74 -16.45 -10.64 6.12
CA LEU A 74 -15.00 -10.76 5.97
C LEU A 74 -14.51 -12.21 5.83
N ARG A 75 -13.33 -12.49 6.36
CA ARG A 75 -12.55 -13.66 5.93
C ARG A 75 -12.82 -15.04 6.52
N ASP A 76 -13.54 -15.83 5.72
CA ASP A 76 -13.53 -17.29 5.81
C ASP A 76 -12.92 -17.80 4.51
N ALA A 77 -11.74 -17.27 4.19
CA ALA A 77 -11.10 -17.46 2.88
C ALA A 77 -10.55 -18.86 2.67
N SER A 78 -10.54 -19.28 1.41
CA SER A 78 -9.98 -20.57 1.01
C SER A 78 -8.80 -20.37 0.06
N LEU A 79 -7.72 -21.10 0.32
CA LEU A 79 -6.56 -21.11 -0.56
C LEU A 79 -6.46 -22.46 -1.26
N ARG A 80 -5.67 -22.52 -2.33
CA ARG A 80 -5.42 -23.76 -3.04
C ARG A 80 -4.01 -23.81 -3.63
N MET A 81 -3.36 -24.95 -3.47
CA MET A 81 -1.99 -25.15 -3.94
C MET A 81 -1.87 -26.20 -5.03
N PHE A 82 -1.93 -25.76 -6.29
CA PHE A 82 -1.56 -26.61 -7.43
C PHE A 82 -0.68 -25.88 -8.44
N GLY A 83 0.33 -26.56 -8.98
CA GLY A 83 0.67 -27.94 -8.62
C GLY A 83 1.83 -28.47 -9.43
N LEU A 84 2.03 -29.79 -9.44
CA LEU A 84 1.21 -30.74 -8.68
C LEU A 84 2.09 -31.60 -7.77
N ARG A 85 3.36 -31.21 -7.64
CA ARG A 85 4.36 -31.94 -6.86
C ARG A 85 4.15 -31.79 -5.36
N VAL A 86 4.71 -32.74 -4.60
CA VAL A 86 4.64 -32.74 -3.13
C VAL A 86 5.51 -31.63 -2.54
N GLU A 87 5.05 -30.39 -2.66
CA GLU A 87 5.67 -29.26 -1.98
C GLU A 87 5.10 -29.22 -0.56
N ASP A 88 5.58 -30.16 0.26
CA ASP A 88 4.91 -30.51 1.50
C ASP A 88 5.35 -29.75 2.77
N GLU A 89 5.30 -30.46 3.89
CA GLU A 89 5.28 -29.84 5.21
C GLU A 89 6.25 -30.47 6.20
N GLY A 90 6.82 -29.67 7.12
CA GLY A 90 6.56 -28.24 7.19
C GLY A 90 5.24 -27.87 7.84
N SER A 91 4.67 -26.75 7.42
CA SER A 91 3.33 -26.29 7.85
C SER A 91 2.89 -24.98 7.19
N TYR A 92 1.68 -24.53 7.53
CA TYR A 92 1.14 -23.25 7.04
C TYR A 92 0.41 -22.51 8.16
N THR A 93 0.39 -21.18 8.06
CA THR A 93 -0.29 -20.34 9.05
C THR A 93 -1.34 -19.44 8.39
N CYS A 94 -2.22 -18.87 9.21
CA CYS A 94 -3.29 -18.00 8.71
C CYS A 94 -3.53 -16.86 9.70
N LEU A 95 -2.96 -15.68 9.39
CA LEU A 95 -3.04 -14.52 10.29
C LEU A 95 -3.79 -13.33 9.69
N PHE A 96 -4.68 -12.75 10.50
CA PHE A 96 -5.55 -11.65 10.08
C PHE A 96 -5.11 -10.33 10.73
N VAL A 97 -5.65 -9.21 10.24
CA VAL A 97 -5.46 -7.91 10.89
C VAL A 97 -6.79 -7.20 11.18
N THR A 98 -6.82 -6.43 12.26
CA THR A 98 -8.08 -5.90 12.83
C THR A 98 -7.89 -4.51 13.45
N PHE A 99 -8.92 -3.67 13.32
CA PHE A 99 -8.97 -2.34 13.95
C PHE A 99 -9.08 -2.49 15.47
N PRO A 100 -10.11 -3.23 15.97
CA PRO A 100 -10.00 -3.75 17.34
C PRO A 100 -8.83 -4.74 17.47
N GLN A 101 -8.75 -5.44 18.59
CA GLN A 101 -7.66 -6.40 18.81
C GLN A 101 -7.83 -7.62 17.92
N GLY A 102 -6.90 -7.82 17.00
CA GLY A 102 -6.93 -8.97 16.09
C GLY A 102 -5.88 -8.95 14.99
N SER A 103 -4.78 -8.25 15.23
CA SER A 103 -3.63 -8.28 14.34
C SER A 103 -2.83 -9.53 14.72
N ARG A 104 -3.48 -10.67 14.53
CA ARG A 104 -3.16 -11.91 15.22
C ARG A 104 -4.05 -13.02 14.68
N SER A 105 -3.58 -14.26 14.82
CA SER A 105 -4.42 -15.46 14.63
C SER A 105 -3.73 -16.72 15.14
N VAL A 106 -3.79 -17.79 14.33
CA VAL A 106 -3.25 -19.09 14.74
C VAL A 106 -2.61 -19.86 13.58
N ASP A 107 -1.51 -20.55 13.89
CA ASP A 107 -0.85 -21.46 12.95
C ASP A 107 -1.61 -22.78 12.90
N ILE A 108 -1.84 -23.30 11.69
CA ILE A 108 -2.68 -24.49 11.51
C ILE A 108 -2.32 -25.25 10.21
N TRP A 109 -2.00 -26.54 10.35
CA TRP A 109 -1.33 -27.29 9.26
C TRP A 109 -1.71 -28.78 9.23
N LEU A 110 -1.29 -29.50 8.18
CA LEU A 110 -1.34 -30.98 8.16
C LEU A 110 -0.66 -31.74 6.99
N ARG A 111 -1.42 -32.63 6.34
CA ARG A 111 -0.88 -33.71 5.50
C ARG A 111 -0.81 -33.43 3.99
N VAL A 112 -0.60 -34.48 3.21
CA VAL A 112 -0.35 -34.34 1.77
C VAL A 112 -0.57 -35.65 1.04
N LEU A 113 0.31 -36.62 1.29
CA LEU A 113 1.04 -37.28 0.22
C LEU A 113 0.39 -38.62 -0.15
N ALA A 114 -0.75 -38.54 -0.83
CA ALA A 114 -0.93 -39.21 -2.11
C ALA A 114 -1.69 -40.52 -1.94
N LYS A 115 -2.38 -40.95 -2.99
CA LYS A 115 -3.21 -42.15 -2.94
C LYS A 115 -2.72 -43.21 -3.91
N PRO A 116 -3.17 -44.44 -3.71
CA PRO A 116 -2.66 -45.59 -4.49
C PRO A 116 -3.69 -46.29 -5.41
N GLN A 117 -3.23 -47.33 -6.11
CA GLN A 117 -4.08 -48.14 -7.00
C GLN A 117 -3.82 -49.64 -6.80
N ASN A 118 -4.86 -50.45 -6.99
CA ASN A 118 -4.78 -51.90 -6.71
C ASN A 118 -5.42 -52.83 -7.73
N THR A 119 -4.88 -54.04 -7.83
CA THR A 119 -5.40 -55.12 -8.68
C THR A 119 -5.02 -56.46 -8.04
N ALA A 120 -5.77 -57.51 -8.39
CA ALA A 120 -5.48 -58.86 -7.88
C ALA A 120 -5.13 -59.85 -8.98
N GLU A 121 -4.14 -60.68 -8.70
CA GLU A 121 -3.70 -61.73 -9.63
C GLU A 121 -3.50 -63.06 -8.90
N VAL A 122 -4.04 -64.13 -9.47
CA VAL A 122 -4.01 -65.44 -8.81
C VAL A 122 -3.50 -66.61 -9.69
N GLN A 123 -2.33 -67.12 -9.30
CA GLN A 123 -1.67 -68.29 -9.91
C GLN A 123 -0.44 -68.66 -9.05
N LYS A 124 0.10 -69.87 -9.17
CA LYS A 124 -0.17 -70.83 -10.24
C LYS A 124 -0.59 -72.23 -9.76
N VAL A 125 -0.32 -73.23 -10.58
CA VAL A 125 -0.77 -74.62 -10.39
C VAL A 125 -0.36 -75.24 -9.04
N GLN A 126 -1.28 -76.02 -8.47
CA GLN A 126 -1.09 -76.62 -7.15
C GLN A 126 -0.33 -77.94 -7.17
N LEU A 127 0.95 -77.88 -6.85
CA LEU A 127 1.75 -79.05 -6.51
C LEU A 127 2.20 -78.88 -5.06
N THR A 128 1.60 -79.66 -4.18
CA THR A 128 1.66 -79.44 -2.73
C THR A 128 2.31 -80.63 -2.01
N GLY A 129 2.85 -80.43 -0.80
CA GLY A 129 2.71 -79.20 -0.03
C GLY A 129 3.91 -78.27 0.10
N GLU A 130 3.67 -77.06 0.59
CA GLU A 130 2.32 -76.57 0.93
C GLU A 130 2.17 -75.03 0.98
N PRO A 131 2.71 -74.31 -0.01
CA PRO A 131 2.46 -72.88 -0.10
C PRO A 131 1.56 -72.44 -1.27
N VAL A 132 1.71 -71.17 -1.68
CA VAL A 132 0.90 -70.44 -2.69
C VAL A 132 -0.02 -71.16 -3.70
N PRO A 133 -1.24 -70.62 -3.90
CA PRO A 133 -2.11 -71.02 -5.00
C PRO A 133 -2.22 -70.17 -6.31
N MET A 134 -1.94 -68.86 -6.38
CA MET A 134 -1.54 -67.93 -5.32
C MET A 134 -2.19 -66.57 -5.59
N ALA A 135 -2.83 -66.00 -4.56
CA ALA A 135 -3.46 -64.69 -4.68
C ALA A 135 -2.50 -63.56 -4.29
N ARG A 136 -2.25 -62.65 -5.22
CA ARG A 136 -1.40 -61.47 -4.95
C ARG A 136 -2.21 -60.17 -5.02
N CYS A 137 -2.02 -59.33 -4.01
CA CYS A 137 -2.69 -58.04 -3.93
C CYS A 137 -1.67 -56.92 -4.17
N VAL A 138 -1.47 -56.57 -5.44
CA VAL A 138 -0.52 -55.53 -5.83
C VAL A 138 -1.05 -54.13 -5.47
N SER A 139 -0.16 -53.30 -4.93
CA SER A 139 -0.50 -51.93 -4.53
C SER A 139 0.51 -50.94 -5.08
N THR A 140 0.17 -50.34 -6.23
CA THR A 140 1.09 -49.45 -6.94
C THR A 140 0.79 -47.96 -6.75
N GLY A 141 1.82 -47.23 -6.32
CA GLY A 141 1.80 -45.77 -6.31
C GLY A 141 1.13 -45.08 -5.12
N GLY A 142 1.84 -45.01 -3.99
CA GLY A 142 1.37 -44.27 -2.81
C GLY A 142 2.48 -44.07 -1.79
N ARG A 143 3.06 -42.87 -1.75
CA ARG A 143 4.20 -42.58 -0.86
C ARG A 143 3.93 -42.90 0.62
N PRO A 144 2.83 -42.37 1.20
CA PRO A 144 2.47 -42.91 2.51
C PRO A 144 1.84 -44.28 2.32
N PRO A 145 2.60 -45.36 2.60
CA PRO A 145 2.27 -46.72 2.17
C PRO A 145 0.89 -47.16 2.61
N ALA A 146 0.14 -47.72 1.65
CA ALA A 146 -1.21 -48.22 1.90
C ALA A 146 -1.15 -49.51 2.71
N GLN A 147 -1.90 -49.53 3.82
CA GLN A 147 -1.96 -50.70 4.69
C GLN A 147 -2.78 -51.82 4.06
N ILE A 148 -2.08 -52.66 3.29
CA ILE A 148 -2.67 -53.83 2.65
C ILE A 148 -2.97 -54.92 3.68
N THR A 149 -4.20 -55.41 3.67
CA THR A 149 -4.63 -56.46 4.60
C THR A 149 -5.34 -57.62 3.88
N TRP A 150 -4.66 -58.76 3.84
CA TRP A 150 -5.22 -59.98 3.28
C TRP A 150 -6.03 -60.73 4.33
N HIS A 151 -7.34 -60.83 4.11
CA HIS A 151 -8.18 -61.78 4.85
C HIS A 151 -9.10 -62.56 3.89
N SER A 152 -9.84 -63.52 4.42
CA SER A 152 -10.65 -64.40 3.57
C SER A 152 -11.96 -64.88 4.21
N ASP A 153 -11.99 -66.17 4.53
CA ASP A 153 -13.22 -66.85 4.92
C ASP A 153 -13.01 -67.74 6.15
N LEU A 154 -11.83 -68.36 6.23
CA LEU A 154 -11.53 -69.33 7.28
C LEU A 154 -10.29 -68.95 8.09
N GLY A 155 -9.88 -69.85 8.97
CA GLY A 155 -8.64 -69.73 9.73
C GLY A 155 -7.42 -70.11 8.91
N GLY A 156 -7.62 -70.23 7.59
CA GLY A 156 -6.52 -70.45 6.65
C GLY A 156 -6.02 -69.14 6.11
N MET A 157 -6.01 -68.11 6.96
CA MET A 157 -5.58 -66.76 6.61
C MET A 157 -4.18 -66.43 7.16
N PRO A 158 -3.91 -66.72 8.46
CA PRO A 158 -2.61 -66.44 9.08
C PRO A 158 -1.42 -66.92 8.23
N GLN A 159 -1.05 -66.06 7.27
CA GLN A 159 -0.13 -66.35 6.19
C GLN A 159 -0.27 -65.14 5.27
N THR A 160 0.53 -64.11 5.52
CA THR A 160 0.41 -62.84 4.78
C THR A 160 1.72 -62.05 4.77
N SER A 161 2.58 -62.36 3.79
CA SER A 161 3.87 -61.69 3.67
C SER A 161 3.82 -60.55 2.65
N GLN A 162 4.71 -59.58 2.82
CA GLN A 162 4.64 -58.31 2.10
C GLN A 162 5.89 -58.00 1.26
N VAL A 163 5.67 -57.42 0.09
CA VAL A 163 6.73 -56.73 -0.65
C VAL A 163 6.78 -55.31 -0.09
N PRO A 164 7.94 -54.90 0.48
CA PRO A 164 8.04 -53.55 1.03
C PRO A 164 8.17 -52.48 -0.06
N GLY A 165 8.58 -51.28 0.33
CA GLY A 165 8.57 -50.13 -0.57
C GLY A 165 9.85 -49.84 -1.34
N PHE A 166 9.89 -50.27 -2.59
CA PHE A 166 10.90 -49.80 -3.53
C PHE A 166 10.27 -48.72 -4.42
N LEU A 167 10.34 -47.50 -3.92
CA LEU A 167 9.51 -46.37 -4.36
C LEU A 167 9.70 -45.91 -5.82
N SER A 168 8.57 -45.72 -6.51
CA SER A 168 8.55 -45.10 -7.83
C SER A 168 8.55 -43.58 -7.67
N GLY A 169 8.58 -42.85 -8.79
CA GLY A 169 8.64 -41.38 -8.77
C GLY A 169 7.94 -40.71 -7.60
N THR A 170 8.70 -40.43 -6.55
CA THR A 170 8.20 -39.80 -5.31
C THR A 170 7.25 -40.69 -4.49
N VAL A 171 6.77 -41.76 -5.10
CA VAL A 171 5.61 -42.50 -4.61
C VAL A 171 5.94 -43.98 -4.30
N THR A 172 5.50 -44.47 -3.14
CA THR A 172 5.85 -45.80 -2.64
C THR A 172 4.92 -46.91 -3.16
N VAL A 173 5.47 -48.10 -3.37
CA VAL A 173 4.75 -49.24 -3.95
C VAL A 173 4.97 -50.54 -3.15
N THR A 174 3.93 -51.35 -3.02
CA THR A 174 3.98 -52.60 -2.26
C THR A 174 3.12 -53.71 -2.87
N SER A 175 3.33 -54.96 -2.41
CA SER A 175 2.56 -56.11 -2.89
C SER A 175 2.41 -57.20 -1.82
N LEU A 176 1.19 -57.37 -1.31
CA LEU A 176 0.89 -58.42 -0.34
C LEU A 176 0.36 -59.64 -1.06
N TRP A 177 0.89 -60.82 -0.72
CA TRP A 177 0.51 -62.04 -1.42
C TRP A 177 0.40 -63.28 -0.52
N ILE A 178 -0.46 -64.21 -0.94
CA ILE A 178 -0.84 -65.38 -0.16
C ILE A 178 -1.08 -66.58 -1.11
N LEU A 179 -0.80 -67.84 -0.73
CA LEU A 179 -0.19 -68.34 0.51
C LEU A 179 -0.97 -68.07 1.81
N VAL A 180 -2.01 -68.82 2.19
CA VAL A 180 -2.71 -69.96 1.50
C VAL A 180 -2.01 -71.10 0.71
N PRO A 181 -1.70 -72.21 1.43
CA PRO A 181 -1.22 -73.54 1.03
C PRO A 181 -1.86 -74.29 -0.14
N SER A 182 -2.63 -75.33 0.19
CA SER A 182 -2.76 -76.48 -0.69
C SER A 182 -4.22 -76.71 -1.08
N SER A 183 -4.70 -77.20 -2.13
CA SER A 183 -5.11 -78.57 -2.38
C SER A 183 -6.16 -78.64 -3.48
N GLN A 184 -7.23 -77.87 -3.34
CA GLN A 184 -8.38 -78.00 -4.23
C GLN A 184 -9.08 -76.66 -4.42
N VAL A 185 -10.16 -76.45 -3.68
CA VAL A 185 -11.29 -75.63 -4.17
C VAL A 185 -11.02 -74.22 -4.75
N ASP A 186 -12.04 -73.68 -5.43
CA ASP A 186 -11.93 -72.47 -6.27
C ASP A 186 -11.56 -71.17 -5.53
N GLY A 187 -12.50 -70.45 -4.90
CA GLY A 187 -13.88 -70.83 -4.65
C GLY A 187 -14.42 -69.98 -3.51
N LYS A 188 -13.49 -69.30 -2.84
CA LYS A 188 -13.80 -68.47 -1.68
C LYS A 188 -13.63 -66.99 -2.00
N GLN A 189 -14.43 -66.14 -1.35
CA GLN A 189 -14.34 -64.69 -1.51
C GLN A 189 -13.21 -64.12 -0.65
N VAL A 190 -11.98 -64.51 -0.99
CA VAL A 190 -10.78 -64.03 -0.31
C VAL A 190 -10.54 -62.54 -0.63
N THR A 191 -10.72 -61.70 0.37
CA THR A 191 -10.78 -60.24 0.15
C THR A 191 -9.56 -59.49 0.71
N CYS A 192 -8.88 -58.78 -0.19
CA CYS A 192 -7.79 -57.89 0.19
C CYS A 192 -8.34 -56.49 0.45
N LYS A 193 -8.13 -55.99 1.66
CA LYS A 193 -8.60 -54.66 2.04
C LYS A 193 -7.46 -53.64 2.06
N VAL A 194 -7.36 -52.87 0.98
CA VAL A 194 -6.34 -51.83 0.85
C VAL A 194 -6.96 -50.49 1.23
N GLU A 195 -6.30 -49.78 2.14
CA GLU A 195 -6.89 -48.55 2.70
C GLU A 195 -6.23 -47.28 2.18
N HIS A 196 -5.58 -46.53 3.07
CA HIS A 196 -4.96 -45.22 2.79
C HIS A 196 -5.82 -44.06 3.28
N GLU A 197 -7.08 -44.34 3.55
CA GLU A 197 -8.03 -43.40 4.18
C GLU A 197 -8.55 -42.28 3.28
N SER A 198 -8.19 -42.32 1.99
CA SER A 198 -8.74 -41.41 1.00
C SER A 198 -10.02 -42.00 0.40
N PHE A 199 -10.41 -41.51 -0.78
CA PHE A 199 -11.61 -41.99 -1.50
C PHE A 199 -12.83 -42.29 -0.61
N GLU A 200 -13.56 -43.36 -0.93
CA GLU A 200 -14.72 -43.77 -0.15
C GLU A 200 -14.34 -44.86 0.86
N LYS A 201 -15.02 -46.00 0.81
CA LYS A 201 -14.69 -47.16 1.63
C LYS A 201 -13.46 -47.88 1.06
N PRO A 202 -12.57 -48.39 1.96
CA PRO A 202 -11.29 -48.98 1.56
C PRO A 202 -11.40 -50.00 0.42
N GLN A 203 -10.40 -49.99 -0.46
CA GLN A 203 -10.38 -50.83 -1.66
C GLN A 203 -10.49 -52.32 -1.32
N LEU A 204 -11.71 -52.84 -1.43
CA LEU A 204 -11.99 -54.24 -1.17
C LEU A 204 -12.00 -55.03 -2.48
N LEU A 205 -10.98 -55.86 -2.67
CA LEU A 205 -10.86 -56.67 -3.88
C LEU A 205 -10.94 -58.17 -3.59
N THR A 206 -12.03 -58.78 -4.06
CA THR A 206 -12.28 -60.21 -3.86
C THR A 206 -12.00 -61.01 -5.13
N VAL A 207 -11.44 -62.21 -4.97
CA VAL A 207 -10.98 -63.03 -6.10
C VAL A 207 -11.24 -64.53 -5.96
N SER A 208 -10.59 -65.31 -6.83
CA SER A 208 -10.73 -66.77 -6.85
C SER A 208 -9.36 -67.44 -6.68
N LEU A 209 -9.15 -68.56 -7.39
CA LEU A 209 -7.94 -69.38 -7.23
C LEU A 209 -7.66 -70.25 -8.47
N THR A 210 -6.40 -70.56 -8.69
CA THR A 210 -5.98 -71.44 -9.79
C THR A 210 -5.91 -72.90 -9.31
N VAL A 211 -6.89 -73.69 -9.77
CA VAL A 211 -7.04 -75.08 -9.34
C VAL A 211 -6.61 -76.04 -10.45
N TYR A 212 -5.52 -76.76 -10.24
CA TYR A 212 -4.98 -77.72 -11.21
C TYR A 212 -4.18 -78.83 -10.50
N TYR A 213 -4.09 -80.03 -11.08
CA TYR A 213 -4.63 -80.39 -12.38
C TYR A 213 -6.17 -80.35 -12.42
N ALA B 1 0.50 34.66 10.91
CA ALA B 1 0.05 34.87 12.31
C ALA B 1 0.19 36.32 12.65
N ASN B 2 0.03 37.21 11.67
CA ASN B 2 0.24 38.59 12.00
C ASN B 2 -0.88 39.59 11.88
N ASN B 3 -0.46 40.84 11.78
CA ASN B 3 -1.29 42.01 11.69
C ASN B 3 -2.06 42.14 10.41
N LEU B 4 -3.10 42.96 10.47
CA LEU B 4 -3.94 43.23 9.35
C LEU B 4 -3.63 44.68 9.03
N PRO B 5 -3.80 45.09 7.77
CA PRO B 5 -3.53 46.47 7.38
C PRO B 5 -4.58 47.46 7.91
N ASP B 6 -4.15 48.71 8.07
CA ASP B 6 -5.01 49.78 8.55
C ASP B 6 -5.97 50.17 7.44
N THR B 7 -7.07 50.81 7.82
CA THR B 7 -8.02 51.30 6.86
C THR B 7 -7.57 52.75 6.65
N GLN B 8 -7.39 53.14 5.40
CA GLN B 8 -6.98 54.50 5.12
C GLN B 8 -8.24 55.28 4.81
N SER B 9 -8.28 56.56 5.14
CA SER B 9 -9.47 57.32 4.83
C SER B 9 -9.57 57.43 3.32
N SER B 10 -10.80 57.41 2.83
CA SER B 10 -11.06 57.46 1.41
C SER B 10 -12.21 58.42 1.19
N GLY B 11 -12.03 59.33 0.24
CA GLY B 11 -13.07 60.29 -0.07
C GLY B 11 -13.88 59.88 -1.29
N PRO B 12 -14.63 60.82 -1.88
CA PRO B 12 -15.46 60.56 -3.06
C PRO B 12 -14.62 60.33 -4.32
N ALA B 13 -15.24 59.75 -5.34
CA ALA B 13 -14.57 59.46 -6.58
C ALA B 13 -15.47 59.71 -7.78
N HIS B 14 -14.84 60.03 -8.90
CA HIS B 14 -15.51 60.27 -10.19
C HIS B 14 -14.37 60.01 -11.14
N SER B 15 -14.13 58.75 -11.49
CA SER B 15 -13.01 58.45 -12.37
C SER B 15 -13.28 57.31 -13.32
N LYS B 16 -12.29 57.04 -14.17
CA LYS B 16 -12.39 55.98 -15.15
C LYS B 16 -11.89 54.65 -14.59
N GLU B 17 -11.46 54.67 -13.33
CA GLU B 17 -10.98 53.45 -12.68
C GLU B 17 -12.19 52.86 -11.98
N THR B 18 -12.54 51.64 -12.35
CA THR B 18 -13.70 51.00 -11.76
C THR B 18 -13.34 49.66 -11.13
N PRO B 19 -12.86 49.67 -9.87
CA PRO B 19 -12.50 48.42 -9.17
C PRO B 19 -13.71 47.54 -8.84
N ALA B 20 -14.90 48.14 -8.82
CA ALA B 20 -16.15 47.42 -8.52
C ALA B 20 -16.50 46.44 -9.64
N LEU B 21 -16.14 46.76 -10.88
CA LEU B 21 -16.41 45.90 -12.03
C LEU B 21 -15.25 44.92 -12.19
N THR B 22 -15.57 43.69 -12.59
CA THR B 22 -14.53 42.68 -12.76
C THR B 22 -15.04 41.58 -13.72
N ALA B 23 -14.32 40.48 -13.78
CA ALA B 23 -14.68 39.34 -14.62
C ALA B 23 -14.15 38.09 -13.94
N VAL B 24 -14.98 37.42 -13.15
CA VAL B 24 -14.56 36.21 -12.44
C VAL B 24 -14.23 34.99 -13.32
N GLU B 25 -14.45 35.10 -14.62
CA GLU B 25 -14.15 34.02 -15.57
C GLU B 25 -12.67 33.70 -15.61
N THR B 26 -11.85 34.70 -15.30
CA THR B 26 -10.40 34.57 -15.30
C THR B 26 -9.92 33.56 -14.26
N GLY B 27 -10.71 33.35 -13.21
CA GLY B 27 -10.34 32.43 -12.16
C GLY B 27 -9.75 33.14 -10.96
N ALA B 28 -9.78 34.47 -10.99
CA ALA B 28 -9.24 35.29 -9.90
C ALA B 28 -10.35 35.91 -9.05
N THR B 29 -10.01 36.26 -7.82
CA THR B 29 -10.91 36.89 -6.86
C THR B 29 -10.57 38.39 -6.81
N ASN B 30 -11.58 39.26 -6.87
CA ASN B 30 -11.40 40.72 -6.83
C ASN B 30 -10.94 41.16 -5.42
N PRO B 31 -9.68 41.64 -5.31
CA PRO B 31 -9.05 42.09 -4.06
C PRO B 31 -9.47 43.47 -3.54
N LEU B 32 -10.78 43.69 -3.45
CA LEU B 32 -11.28 44.97 -2.99
C LEU B 32 -11.25 45.10 -1.49
N VAL B 33 -11.20 46.34 -1.02
CA VAL B 33 -11.22 46.68 0.38
C VAL B 33 -12.33 47.73 0.44
N PRO B 34 -12.89 47.98 1.62
CA PRO B 34 -13.97 48.96 1.77
C PRO B 34 -13.78 50.31 1.07
N SER B 35 -12.59 50.89 1.19
CA SER B 35 -12.30 52.18 0.58
C SER B 35 -12.41 52.21 -0.94
N ASP B 36 -12.59 51.05 -1.57
CA ASP B 36 -12.71 50.97 -3.02
C ASP B 36 -14.12 51.34 -3.48
N THR B 37 -15.12 51.03 -2.64
CA THR B 37 -16.51 51.28 -2.97
C THR B 37 -17.28 52.25 -2.07
N VAL B 38 -16.68 52.68 -0.95
CA VAL B 38 -17.34 53.63 -0.04
C VAL B 38 -16.30 54.58 0.55
N GLN B 39 -16.76 55.66 1.17
CA GLN B 39 -15.85 56.60 1.81
C GLN B 39 -15.52 56.01 3.17
N THR B 40 -14.24 55.90 3.46
CA THR B 40 -13.79 55.33 4.72
C THR B 40 -13.03 56.32 5.58
N ARG B 41 -12.87 55.98 6.84
CA ARG B 41 -12.12 56.79 7.78
C ARG B 41 -10.82 56.05 8.01
N HIS B 42 -9.88 56.67 8.71
CA HIS B 42 -8.63 56.00 8.99
C HIS B 42 -8.84 55.20 10.27
N VAL B 43 -8.53 53.92 10.21
CA VAL B 43 -8.68 53.06 11.37
C VAL B 43 -7.34 52.37 11.55
N ILE B 44 -6.81 52.43 12.75
CA ILE B 44 -5.55 51.77 13.03
C ILE B 44 -5.91 50.36 13.47
N GLN B 45 -5.64 49.40 12.58
CA GLN B 45 -5.95 47.99 12.80
C GLN B 45 -5.07 47.27 13.82
N LYS B 46 -5.69 46.73 14.86
CA LYS B 46 -4.97 46.01 15.90
C LYS B 46 -5.28 44.52 15.99
N ARG B 47 -6.20 44.03 15.16
CA ARG B 47 -6.55 42.62 15.16
C ARG B 47 -5.51 41.86 14.34
N THR B 48 -5.24 40.62 14.74
CA THR B 48 -4.26 39.80 14.06
C THR B 48 -4.85 38.41 13.77
N ARG B 49 -4.18 37.65 12.93
CA ARG B 49 -4.62 36.31 12.57
C ARG B 49 -3.76 35.27 13.26
N SER B 50 -3.41 35.53 14.51
CA SER B 50 -2.56 34.65 15.30
C SER B 50 -3.11 33.27 15.58
N GLU B 51 -4.43 33.17 15.73
CA GLU B 51 -5.09 31.91 16.05
C GLU B 51 -5.57 31.10 14.85
N SER B 52 -5.46 31.66 13.65
CA SER B 52 -5.89 30.91 12.48
C SER B 52 -4.72 30.39 11.67
N THR B 53 -3.52 30.43 12.25
CA THR B 53 -2.38 29.90 11.54
C THR B 53 -2.59 28.40 11.44
N VAL B 54 -2.02 27.78 10.41
CA VAL B 54 -2.15 26.35 10.22
C VAL B 54 -1.81 25.57 11.52
N GLU B 55 -0.82 26.04 12.26
CA GLU B 55 -0.40 25.42 13.52
C GLU B 55 -1.44 25.50 14.63
N SER B 56 -2.01 26.68 14.83
CA SER B 56 -3.01 26.90 15.86
C SER B 56 -4.33 26.22 15.57
N PHE B 57 -4.60 26.01 14.28
CA PHE B 57 -5.81 25.35 13.86
C PHE B 57 -5.79 23.87 14.28
N PHE B 58 -4.62 23.26 14.24
CA PHE B 58 -4.46 21.84 14.61
C PHE B 58 -3.92 21.57 16.00
N ALA B 59 -3.47 22.62 16.70
CA ALA B 59 -2.89 22.49 18.03
C ALA B 59 -3.84 22.08 19.16
N ARG B 60 -4.51 20.95 18.97
CA ARG B 60 -5.48 20.40 19.92
C ARG B 60 -5.40 18.89 19.87
N GLY B 61 -5.50 18.25 21.03
CA GLY B 61 -5.48 16.79 21.09
C GLY B 61 -6.87 16.27 20.76
N ALA B 62 -6.99 15.54 19.65
CA ALA B 62 -8.26 14.98 19.21
C ALA B 62 -8.28 13.47 19.42
N CYS B 63 -9.43 12.93 19.81
CA CYS B 63 -9.55 11.49 20.01
C CYS B 63 -9.60 10.77 18.66
N VAL B 64 -8.73 9.78 18.47
CA VAL B 64 -8.71 9.01 17.23
C VAL B 64 -9.06 7.54 17.43
N ALA B 65 -9.11 7.08 18.67
CA ALA B 65 -9.44 5.69 18.96
C ALA B 65 -9.76 5.43 20.43
N ILE B 66 -10.58 4.40 20.67
CA ILE B 66 -10.93 3.97 22.03
C ILE B 66 -10.69 2.48 22.00
N ILE B 67 -9.53 2.06 22.51
CA ILE B 67 -9.18 0.66 22.53
C ILE B 67 -9.69 0.06 23.83
N GLU B 68 -10.34 -1.09 23.73
CA GLU B 68 -10.87 -1.75 24.92
C GLU B 68 -10.25 -3.11 25.18
N VAL B 69 -9.96 -3.38 26.45
CA VAL B 69 -9.39 -4.67 26.86
C VAL B 69 -10.21 -5.14 28.06
N ASP B 70 -10.56 -6.43 28.06
CA ASP B 70 -11.34 -6.99 29.16
C ASP B 70 -10.42 -7.95 29.90
N ASN B 71 -9.96 -7.55 31.10
CA ASN B 71 -9.08 -8.40 31.93
C ASN B 71 -9.96 -9.47 32.64
N ASP B 72 -10.98 -9.92 31.88
CA ASP B 72 -12.01 -10.92 32.19
C ASP B 72 -13.40 -10.25 32.17
N SER B 79 -10.11 -13.96 23.54
CA SER B 79 -8.67 -13.57 23.75
C SER B 79 -8.57 -12.20 24.44
N LYS B 80 -9.69 -11.47 24.49
CA LYS B 80 -9.81 -10.11 25.05
C LYS B 80 -8.86 -9.58 26.13
N LEU B 81 -7.99 -10.46 26.63
CA LEU B 81 -6.98 -10.11 27.59
C LEU B 81 -5.97 -9.14 26.94
N PHE B 82 -6.09 -8.98 25.62
CA PHE B 82 -5.26 -8.05 24.84
C PHE B 82 -5.99 -7.65 23.55
N SER B 83 -5.74 -6.44 23.07
CA SER B 83 -6.36 -5.92 21.83
C SER B 83 -5.34 -5.30 20.89
N VAL B 84 -5.69 -5.25 19.62
CA VAL B 84 -4.82 -4.67 18.58
C VAL B 84 -5.62 -3.63 17.78
N TRP B 85 -5.07 -2.42 17.65
CA TRP B 85 -5.73 -1.35 16.91
C TRP B 85 -4.87 -0.94 15.72
N LYS B 86 -5.42 -1.06 14.52
CA LYS B 86 -4.72 -0.68 13.29
C LYS B 86 -4.69 0.85 13.29
N ILE B 87 -3.49 1.43 13.33
CA ILE B 87 -3.33 2.89 13.38
C ILE B 87 -3.97 3.65 12.20
N THR B 88 -4.83 4.62 12.54
CA THR B 88 -5.51 5.44 11.55
C THR B 88 -6.14 6.68 12.20
N TYR B 89 -6.50 7.67 11.39
CA TYR B 89 -7.14 8.90 11.86
C TYR B 89 -8.58 8.94 11.36
N LYS B 90 -8.97 7.90 10.63
CA LYS B 90 -10.30 7.82 10.05
C LYS B 90 -11.36 7.08 10.86
N ASP B 91 -10.98 6.57 12.03
CA ASP B 91 -11.93 5.90 12.92
C ASP B 91 -12.86 6.92 13.57
N THR B 92 -12.45 8.19 13.62
CA THR B 92 -13.25 9.25 14.20
C THR B 92 -13.49 10.27 13.08
N VAL B 93 -14.41 11.22 13.29
CA VAL B 93 -14.72 12.19 12.25
C VAL B 93 -14.16 13.60 12.40
N GLN B 94 -14.08 14.09 13.62
CA GLN B 94 -13.63 15.45 13.88
C GLN B 94 -12.24 15.84 13.42
N LEU B 95 -11.22 15.08 13.80
CA LEU B 95 -9.86 15.40 13.34
C LEU B 95 -9.77 15.15 11.85
N ARG B 96 -10.35 14.04 11.39
CA ARG B 96 -10.33 13.67 9.99
C ARG B 96 -10.83 14.80 9.08
N ARG B 97 -11.94 15.43 9.44
CA ARG B 97 -12.50 16.51 8.64
C ARG B 97 -11.60 17.73 8.53
N LYS B 98 -10.90 18.05 9.61
CA LYS B 98 -9.97 19.18 9.67
C LYS B 98 -8.74 18.92 8.80
N LEU B 99 -8.21 17.70 8.88
CA LEU B 99 -7.04 17.32 8.07
C LEU B 99 -7.37 17.37 6.58
N GLU B 100 -8.60 16.99 6.25
CA GLU B 100 -9.05 16.95 4.86
C GLU B 100 -9.39 18.27 4.19
N PHE B 101 -8.97 19.37 4.82
CA PHE B 101 -9.13 20.71 4.25
C PHE B 101 -7.92 20.85 3.30
N PHE B 102 -6.97 19.92 3.43
CA PHE B 102 -5.74 19.89 2.64
C PHE B 102 -5.49 18.52 2.02
N THR B 103 -4.77 18.49 0.89
CA THR B 103 -4.46 17.25 0.20
C THR B 103 -3.23 16.53 0.78
N TYR B 104 -2.22 17.30 1.17
CA TYR B 104 -0.98 16.73 1.72
C TYR B 104 -0.62 17.42 3.03
N SER B 105 0.10 16.72 3.88
CA SER B 105 0.52 17.28 5.16
C SER B 105 1.85 16.69 5.59
N ARG B 106 2.51 17.38 6.50
CA ARG B 106 3.80 16.94 7.00
C ARG B 106 3.89 17.52 8.40
N PHE B 107 4.03 16.67 9.40
CA PHE B 107 4.11 17.10 10.79
C PHE B 107 4.63 16.01 11.70
N ASP B 108 4.80 16.35 12.97
CA ASP B 108 5.21 15.41 14.00
C ASP B 108 3.94 15.11 14.78
N MET B 109 3.93 14.04 15.55
CA MET B 109 2.72 13.74 16.30
C MET B 109 2.96 13.53 17.77
N GLU B 110 2.01 13.99 18.56
CA GLU B 110 2.09 13.82 19.99
C GLU B 110 0.88 12.96 20.36
N PHE B 111 1.13 11.84 21.01
CA PHE B 111 0.06 10.94 21.44
C PHE B 111 -0.07 10.93 22.94
N THR B 112 -1.29 11.18 23.43
CA THR B 112 -1.59 11.17 24.85
C THR B 112 -2.63 10.08 25.07
N PHE B 113 -2.42 9.25 26.07
CA PHE B 113 -3.32 8.14 26.37
C PHE B 113 -4.05 8.28 27.69
N VAL B 114 -5.37 8.38 27.62
CA VAL B 114 -6.21 8.49 28.81
C VAL B 114 -6.77 7.09 29.06
N VAL B 115 -6.39 6.49 30.18
CA VAL B 115 -6.80 5.13 30.54
C VAL B 115 -7.80 5.11 31.71
N THR B 116 -8.94 4.46 31.49
CA THR B 116 -9.98 4.31 32.51
C THR B 116 -10.32 2.82 32.64
N SER B 117 -10.77 2.44 33.84
CA SER B 117 -11.12 1.05 34.12
C SER B 117 -12.19 1.02 35.21
N ASN B 118 -12.91 -0.09 35.31
CA ASN B 118 -13.92 -0.25 36.35
C ASN B 118 -14.40 -1.69 36.49
N TYR B 119 -14.98 -1.98 37.64
CA TYR B 119 -15.55 -3.29 37.94
C TYR B 119 -16.86 -3.36 37.22
N THR B 120 -17.11 -4.48 36.55
CA THR B 120 -18.35 -4.67 35.83
C THR B 120 -19.45 -4.91 36.86
N ASP B 121 -19.07 -5.62 37.92
CA ASP B 121 -19.99 -5.95 38.99
C ASP B 121 -19.98 -4.92 40.09
N ALA B 122 -21.16 -4.51 40.52
CA ALA B 122 -21.26 -3.53 41.60
C ALA B 122 -20.86 -4.11 42.95
N ASN B 123 -21.08 -5.41 43.13
CA ASN B 123 -20.76 -6.01 44.43
C ASN B 123 -19.84 -7.22 44.37
N ASN B 124 -19.10 -7.38 43.28
CA ASN B 124 -18.23 -8.54 43.19
C ASN B 124 -16.86 -8.33 42.60
N GLY B 125 -15.91 -9.10 43.13
CA GLY B 125 -14.53 -9.04 42.67
C GLY B 125 -13.68 -7.93 43.26
N HIS B 126 -12.38 -8.08 43.10
CA HIS B 126 -11.42 -7.11 43.57
C HIS B 126 -10.11 -7.39 42.83
N ALA B 127 -9.35 -6.34 42.58
CA ALA B 127 -8.08 -6.47 41.88
C ALA B 127 -7.10 -5.40 42.35
N LEU B 128 -5.81 -5.70 42.29
CA LEU B 128 -4.77 -4.74 42.68
C LEU B 128 -4.57 -3.81 41.47
N ASN B 129 -3.92 -2.67 41.70
CA ASN B 129 -3.67 -1.69 40.63
C ASN B 129 -3.06 -2.28 39.35
N GLN B 130 -3.67 -1.96 38.21
CA GLN B 130 -3.22 -2.47 36.92
C GLN B 130 -2.14 -1.66 36.19
N VAL B 131 -1.28 -2.39 35.48
CA VAL B 131 -0.22 -1.81 34.67
C VAL B 131 -0.54 -2.26 33.24
N TYR B 132 -0.48 -1.33 32.30
CA TYR B 132 -0.79 -1.60 30.91
C TYR B 132 0.46 -1.50 30.06
N GLN B 133 0.50 -2.28 28.98
CA GLN B 133 1.62 -2.21 28.06
C GLN B 133 1.03 -1.88 26.69
N ILE B 134 1.48 -0.77 26.13
CA ILE B 134 1.04 -0.33 24.81
C ILE B 134 2.24 -0.52 23.90
N MET B 135 2.21 -1.58 23.10
CA MET B 135 3.30 -1.90 22.19
C MET B 135 2.97 -1.52 20.75
N TYR B 136 3.91 -0.84 20.11
CA TYR B 136 3.74 -0.44 18.72
C TYR B 136 4.33 -1.54 17.86
N ILE B 137 3.53 -2.08 16.94
CA ILE B 137 3.98 -3.14 16.06
C ILE B 137 4.11 -2.60 14.65
N PRO B 138 5.33 -2.19 14.24
CA PRO B 138 5.57 -1.64 12.91
C PRO B 138 5.24 -2.71 11.86
N PRO B 139 4.68 -2.30 10.71
CA PRO B 139 4.35 -3.30 9.68
C PRO B 139 5.51 -4.25 9.34
N GLY B 140 5.33 -5.50 9.75
CA GLY B 140 6.33 -6.51 9.50
C GLY B 140 6.66 -7.30 10.76
N ALA B 141 6.59 -6.63 11.91
CA ALA B 141 6.88 -7.26 13.19
C ALA B 141 5.78 -8.26 13.56
N PRO B 142 6.14 -9.30 14.33
CA PRO B 142 5.17 -10.33 14.73
C PRO B 142 4.08 -9.78 15.65
N ILE B 143 2.83 -10.10 15.33
CA ILE B 143 1.68 -9.65 16.12
C ILE B 143 1.35 -10.67 17.22
N PRO B 144 1.10 -10.19 18.45
CA PRO B 144 0.79 -11.11 19.54
C PRO B 144 -0.44 -12.00 19.32
N GLY B 145 -0.26 -13.28 19.65
CA GLY B 145 -1.35 -14.23 19.52
C GLY B 145 -2.02 -14.44 20.87
N LYS B 146 -1.28 -14.23 21.94
CA LYS B 146 -1.79 -14.38 23.30
C LYS B 146 -1.35 -13.16 24.08
N TRP B 147 -2.07 -12.86 25.15
CA TRP B 147 -1.74 -11.71 25.96
C TRP B 147 -0.37 -11.88 26.62
N ASN B 148 0.19 -13.07 26.52
CA ASN B 148 1.49 -13.32 27.14
C ASN B 148 2.51 -14.11 26.31
N ASP B 149 2.44 -14.04 24.99
CA ASP B 149 3.42 -14.77 24.20
C ASP B 149 4.74 -14.00 24.07
N TYR B 150 5.73 -14.59 23.40
CA TYR B 150 7.05 -13.97 23.25
C TYR B 150 7.09 -12.54 22.67
N THR B 151 6.10 -12.17 21.85
CA THR B 151 6.11 -10.83 21.23
C THR B 151 6.14 -9.67 22.20
N TRP B 152 5.65 -9.87 23.42
CA TRP B 152 5.61 -8.81 24.41
C TRP B 152 6.96 -8.48 25.07
N GLN B 153 8.03 -9.10 24.59
CA GLN B 153 9.38 -8.86 25.11
C GLN B 153 9.90 -7.51 24.59
N THR B 154 9.27 -6.99 23.54
CA THR B 154 9.62 -5.72 22.89
C THR B 154 11.09 -5.37 22.75
N SER B 155 11.97 -6.33 22.50
CA SER B 155 13.38 -5.95 22.39
C SER B 155 13.71 -4.87 21.36
N SER B 156 12.82 -4.65 20.40
CA SER B 156 13.02 -3.63 19.37
C SER B 156 11.81 -2.73 19.17
N ASN B 157 10.62 -3.26 19.39
CA ASN B 157 9.41 -2.46 19.25
C ASN B 157 9.32 -1.50 20.43
N PRO B 158 8.84 -0.27 20.19
CA PRO B 158 8.72 0.71 21.28
C PRO B 158 7.47 0.37 22.11
N SER B 159 7.61 0.29 23.42
CA SER B 159 6.50 -0.02 24.30
C SER B 159 6.35 1.09 25.33
N VAL B 160 5.13 1.25 25.83
CA VAL B 160 4.85 2.24 26.87
C VAL B 160 4.14 1.48 27.98
N PHE B 161 4.70 1.52 29.19
CA PHE B 161 4.10 0.85 30.33
C PHE B 161 3.43 1.92 31.19
N TYR B 162 2.12 1.84 31.26
CA TYR B 162 1.33 2.79 32.02
C TYR B 162 0.76 2.19 33.31
N THR B 163 0.94 2.88 34.43
CA THR B 163 0.42 2.44 35.73
C THR B 163 -0.92 3.17 35.93
N TYR B 164 -1.98 2.41 36.18
CA TYR B 164 -3.31 3.00 36.36
C TYR B 164 -3.30 4.10 37.43
N GLY B 165 -3.94 5.23 37.13
CA GLY B 165 -3.99 6.32 38.08
C GLY B 165 -2.95 7.41 37.91
N ALA B 166 -1.91 7.14 37.10
CA ALA B 166 -0.85 8.10 36.86
C ALA B 166 -1.32 9.08 35.79
N PRO B 167 -0.68 10.27 35.68
CA PRO B 167 -1.14 11.19 34.64
C PRO B 167 -1.09 10.48 33.28
N PRO B 168 -1.97 10.87 32.36
CA PRO B 168 -2.00 10.25 31.02
C PRO B 168 -0.61 10.13 30.41
N ALA B 169 -0.31 8.97 29.81
CA ALA B 169 0.98 8.74 29.18
C ALA B 169 1.06 9.59 27.92
N ARG B 170 2.26 9.94 27.49
CA ARG B 170 2.42 10.77 26.30
C ARG B 170 3.77 10.56 25.64
N ILE B 171 3.76 10.38 24.31
CA ILE B 171 4.99 10.19 23.55
C ILE B 171 4.91 10.99 22.24
N SER B 172 6.06 11.29 21.64
CA SER B 172 6.14 12.02 20.37
C SER B 172 6.68 11.09 19.28
N VAL B 173 6.16 11.27 18.08
CA VAL B 173 6.54 10.47 16.92
C VAL B 173 6.96 11.45 15.82
N PRO B 174 8.09 11.19 15.14
CA PRO B 174 8.55 12.07 14.06
C PRO B 174 7.73 11.91 12.78
N TYR B 175 8.11 12.61 11.71
CA TYR B 175 7.40 12.45 10.44
C TYR B 175 7.86 11.10 9.90
N VAL B 176 6.97 10.11 9.93
CA VAL B 176 7.31 8.76 9.48
C VAL B 176 6.87 8.29 8.10
N GLY B 177 6.43 9.20 7.25
CA GLY B 177 5.98 8.82 5.93
C GLY B 177 7.07 8.35 4.99
N ILE B 178 6.75 7.46 4.06
CA ILE B 178 7.73 6.97 3.09
C ILE B 178 7.77 7.87 1.85
N ALA B 179 6.91 8.87 1.84
CA ALA B 179 6.84 9.85 0.77
C ALA B 179 7.29 11.16 1.44
N ASN B 180 7.38 12.24 0.68
CA ASN B 180 7.83 13.49 1.26
C ASN B 180 6.76 14.23 2.06
N ALA B 181 5.53 13.70 2.00
CA ALA B 181 4.39 14.27 2.71
C ALA B 181 3.32 13.18 2.82
N TYR B 182 2.44 13.31 3.80
CA TYR B 182 1.33 12.38 3.99
C TYR B 182 0.27 12.76 2.95
N SER B 183 -0.32 11.77 2.30
CA SER B 183 -1.38 12.03 1.32
C SER B 183 -2.75 11.80 1.98
N HIS B 184 -3.59 12.83 2.00
CA HIS B 184 -4.92 12.68 2.57
C HIS B 184 -5.82 12.07 1.51
N PHE B 185 -5.40 12.20 0.25
CA PHE B 185 -6.13 11.67 -0.89
C PHE B 185 -5.16 11.07 -1.86
N TYR B 186 -5.47 9.87 -2.34
CA TYR B 186 -4.64 9.14 -3.29
C TYR B 186 -5.52 8.61 -4.42
N ASP B 187 -5.54 9.33 -5.53
CA ASP B 187 -6.33 8.93 -6.68
C ASP B 187 -5.64 7.84 -7.48
N GLY B 188 -5.60 6.63 -6.93
CA GLY B 188 -4.95 5.54 -7.63
C GLY B 188 -5.11 4.21 -6.94
N PHE B 189 -4.31 3.24 -7.40
CA PHE B 189 -4.34 1.87 -6.87
C PHE B 189 -2.93 1.44 -6.51
N ALA B 190 -2.81 0.34 -5.80
CA ALA B 190 -1.50 -0.20 -5.41
C ALA B 190 -1.04 -1.19 -6.48
N LYS B 191 -1.97 -1.63 -7.33
CA LYS B 191 -1.71 -2.59 -8.40
C LYS B 191 -2.34 -2.15 -9.71
N VAL B 192 -1.73 -2.60 -10.81
CA VAL B 192 -2.23 -2.32 -12.15
C VAL B 192 -2.57 -3.70 -12.70
N PRO B 193 -3.85 -3.95 -13.03
CA PRO B 193 -4.20 -5.27 -13.57
C PRO B 193 -3.63 -5.37 -14.97
N LEU B 194 -2.89 -6.44 -15.26
CA LEU B 194 -2.32 -6.60 -16.58
C LEU B 194 -3.21 -7.42 -17.49
N ALA B 195 -3.11 -7.16 -18.79
CA ALA B 195 -3.89 -7.86 -19.79
C ALA B 195 -3.55 -9.34 -19.76
N GLY B 196 -4.59 -10.17 -19.74
CA GLY B 196 -4.38 -11.60 -19.72
C GLY B 196 -4.57 -12.25 -18.36
N GLN B 197 -4.25 -11.55 -17.27
CA GLN B 197 -4.41 -12.17 -15.96
C GLN B 197 -5.86 -12.27 -15.50
N ALA B 198 -6.12 -13.31 -14.70
CA ALA B 198 -7.44 -13.59 -14.15
C ALA B 198 -7.97 -12.36 -13.42
N SER B 199 -9.28 -12.16 -13.45
CA SER B 199 -9.88 -11.00 -12.77
C SER B 199 -9.53 -10.95 -11.28
N THR B 200 -9.28 -12.11 -10.70
CA THR B 200 -8.91 -12.21 -9.29
C THR B 200 -7.53 -11.53 -9.12
N GLU B 201 -6.74 -11.56 -10.19
CA GLU B 201 -5.42 -10.98 -10.25
C GLU B 201 -5.40 -9.46 -10.44
N GLY B 202 -4.34 -8.82 -9.95
CA GLY B 202 -4.17 -7.39 -10.10
C GLY B 202 -5.29 -6.48 -9.63
N ASP B 203 -6.19 -6.99 -8.80
CA ASP B 203 -7.27 -6.18 -8.29
C ASP B 203 -6.89 -5.64 -6.90
N SER B 204 -7.14 -4.35 -6.67
CA SER B 204 -6.83 -3.71 -5.39
C SER B 204 -7.84 -2.60 -5.12
N LEU B 205 -7.87 -2.10 -3.89
CA LEU B 205 -8.81 -1.06 -3.51
C LEU B 205 -8.47 0.30 -4.10
N TYR B 206 -9.51 1.01 -4.51
CA TYR B 206 -9.35 2.33 -5.08
C TYR B 206 -9.01 3.34 -3.98
N GLY B 207 -7.92 4.06 -4.16
CA GLY B 207 -7.51 5.05 -3.20
C GLY B 207 -6.69 4.53 -2.05
N ALA B 208 -6.29 3.26 -2.13
CA ALA B 208 -5.49 2.64 -1.08
C ALA B 208 -4.04 2.47 -1.52
N ALA B 209 -3.12 2.73 -0.60
CA ALA B 209 -1.70 2.60 -0.87
C ALA B 209 -1.23 1.25 -0.32
N SER B 210 -0.51 1.28 0.81
CA SER B 210 -0.03 0.04 1.42
C SER B 210 -1.19 -0.65 2.18
N LEU B 211 -1.17 -1.97 2.24
CA LEU B 211 -2.21 -2.69 2.97
C LEU B 211 -2.05 -2.41 4.47
N ASN B 212 -0.81 -2.15 4.85
CA ASN B 212 -0.47 -1.82 6.23
C ASN B 212 0.44 -0.59 6.19
N ASP B 213 -0.19 0.58 6.24
CA ASP B 213 0.51 1.86 6.21
C ASP B 213 1.41 2.10 7.40
N PHE B 214 0.82 2.21 8.58
CA PHE B 214 1.57 2.52 9.80
C PHE B 214 1.64 1.47 10.88
N GLY B 215 1.16 0.26 10.60
CA GLY B 215 1.19 -0.77 11.62
C GLY B 215 0.04 -0.61 12.60
N SER B 216 0.21 -1.15 13.79
CA SER B 216 -0.83 -1.08 14.79
C SER B 216 -0.33 -1.11 16.23
N LEU B 217 -1.26 -0.89 17.17
CA LEU B 217 -0.94 -0.89 18.59
C LEU B 217 -1.53 -2.12 19.24
N ALA B 218 -0.76 -2.79 20.08
CA ALA B 218 -1.21 -3.97 20.81
C ALA B 218 -1.22 -3.53 22.26
N VAL B 219 -2.39 -3.61 22.89
CA VAL B 219 -2.55 -3.22 24.29
C VAL B 219 -2.98 -4.42 25.15
N ARG B 220 -2.45 -4.49 26.36
CA ARG B 220 -2.79 -5.57 27.30
C ARG B 220 -2.54 -5.11 28.74
N VAL B 221 -3.12 -5.83 29.69
CA VAL B 221 -2.90 -5.55 31.11
C VAL B 221 -1.82 -6.58 31.47
N VAL B 222 -0.74 -6.11 32.08
CA VAL B 222 0.39 -6.97 32.43
C VAL B 222 0.14 -7.87 33.65
N ASN B 223 -0.73 -7.44 34.55
CA ASN B 223 -1.04 -8.20 35.77
C ASN B 223 -1.68 -9.53 35.41
N ASP B 224 -1.54 -10.51 36.30
CA ASP B 224 -2.17 -11.81 36.08
C ASP B 224 -3.66 -11.56 36.28
N HIS B 225 -4.48 -12.03 35.35
CA HIS B 225 -5.92 -11.82 35.45
C HIS B 225 -6.54 -12.66 36.56
N ASN B 226 -7.44 -12.00 37.25
CA ASN B 226 -8.19 -12.52 38.39
C ASN B 226 -9.58 -12.83 37.80
N PRO B 227 -10.33 -13.80 38.38
CA PRO B 227 -11.68 -14.12 37.87
C PRO B 227 -12.65 -12.91 37.87
N THR B 228 -12.25 -11.84 38.55
CA THR B 228 -13.07 -10.64 38.61
C THR B 228 -13.34 -10.05 37.22
N LYS B 229 -14.55 -9.55 37.03
CA LYS B 229 -14.93 -8.95 35.75
C LYS B 229 -14.51 -7.48 35.71
N LEU B 230 -13.56 -7.18 34.82
CA LEU B 230 -13.01 -5.84 34.66
C LEU B 230 -12.86 -5.49 33.20
N THR B 231 -13.03 -4.20 32.89
CA THR B 231 -12.84 -3.72 31.54
C THR B 231 -12.07 -2.42 31.62
N SER B 232 -11.20 -2.20 30.65
CA SER B 232 -10.40 -0.98 30.59
C SER B 232 -10.53 -0.43 29.20
N LYS B 233 -10.41 0.88 29.09
CA LYS B 233 -10.47 1.56 27.81
C LYS B 233 -9.34 2.56 27.72
N ILE B 234 -8.63 2.52 26.62
CA ILE B 234 -7.52 3.44 26.37
C ILE B 234 -7.98 4.37 25.27
N ARG B 235 -8.19 5.63 25.61
CA ARG B 235 -8.58 6.62 24.63
C ARG B 235 -7.31 7.28 24.11
N VAL B 236 -7.09 7.18 22.81
CA VAL B 236 -5.91 7.73 22.15
C VAL B 236 -6.18 9.12 21.60
N TYR B 237 -5.38 10.09 22.04
CA TYR B 237 -5.49 11.48 21.59
C TYR B 237 -4.23 11.82 20.80
N MET B 238 -4.40 12.41 19.63
CA MET B 238 -3.27 12.78 18.80
C MET B 238 -3.30 14.25 18.42
N LYS B 239 -2.14 14.89 18.46
CA LYS B 239 -1.99 16.30 18.11
C LYS B 239 -0.85 16.53 17.12
N PRO B 240 -1.16 17.07 15.93
CA PRO B 240 -0.11 17.32 14.95
C PRO B 240 0.67 18.58 15.39
N LYS B 241 1.99 18.47 15.52
CA LYS B 241 2.80 19.61 15.88
C LYS B 241 3.87 19.77 14.83
N HIS B 242 4.27 21.01 14.57
CA HIS B 242 5.27 21.36 13.54
C HIS B 242 4.65 21.07 12.17
N VAL B 243 3.48 21.67 11.96
CA VAL B 243 2.64 21.49 10.79
C VAL B 243 2.87 22.30 9.51
N ARG B 244 2.81 21.60 8.37
CA ARG B 244 2.92 22.17 7.03
C ARG B 244 1.86 21.42 6.21
N VAL B 245 1.06 22.15 5.44
CA VAL B 245 0.00 21.55 4.64
C VAL B 245 -0.03 22.12 3.23
N TRP B 246 -0.48 21.32 2.28
CA TRP B 246 -0.54 21.73 0.87
C TRP B 246 -1.89 21.43 0.24
N CYS B 247 -2.20 22.21 -0.79
CA CYS B 247 -3.41 22.10 -1.61
C CYS B 247 -4.75 22.02 -0.88
N PRO B 248 -5.38 23.18 -0.62
CA PRO B 248 -6.67 23.23 0.07
C PRO B 248 -7.81 22.60 -0.74
N ARG B 249 -8.77 22.04 -0.02
CA ARG B 249 -9.91 21.37 -0.65
C ARG B 249 -11.16 21.78 0.09
N PRO B 250 -12.34 21.72 -0.57
CA PRO B 250 -13.55 22.09 0.17
C PRO B 250 -13.78 21.02 1.25
N PRO B 251 -14.32 21.42 2.41
CA PRO B 251 -14.57 20.46 3.50
C PRO B 251 -15.70 19.46 3.22
N ARG B 252 -15.71 18.35 3.95
CA ARG B 252 -16.72 17.30 3.82
C ARG B 252 -18.10 17.88 4.19
N ALA B 253 -19.05 17.79 3.26
CA ALA B 253 -20.40 18.33 3.49
C ALA B 253 -21.42 17.27 3.90
N VAL B 254 -21.26 16.05 3.41
CA VAL B 254 -22.17 14.96 3.75
C VAL B 254 -21.43 13.96 4.65
N PRO B 255 -22.18 13.12 5.38
CA PRO B 255 -21.60 12.13 6.29
C PRO B 255 -20.56 11.19 5.63
N TYR B 256 -19.54 10.84 6.39
CA TYR B 256 -18.51 9.94 5.89
C TYR B 256 -19.10 8.55 5.78
N TYR B 257 -18.63 7.80 4.79
CA TYR B 257 -19.09 6.45 4.54
C TYR B 257 -17.85 5.61 4.24
N GLY B 258 -17.08 5.35 5.30
CA GLY B 258 -15.88 4.55 5.14
C GLY B 258 -14.62 5.38 5.04
N PRO B 259 -13.49 4.73 4.73
CA PRO B 259 -12.16 5.34 4.58
C PRO B 259 -12.05 6.17 3.31
N GLY B 260 -12.93 5.92 2.35
CA GLY B 260 -12.88 6.65 1.10
C GLY B 260 -13.77 7.86 1.10
N VAL B 261 -13.94 8.45 -0.07
CA VAL B 261 -14.78 9.63 -0.23
C VAL B 261 -16.22 9.22 -0.50
N ASP B 262 -16.50 7.94 -0.28
CA ASP B 262 -17.83 7.38 -0.52
C ASP B 262 -18.87 8.02 0.36
N TYR B 263 -20.07 8.15 -0.19
CA TYR B 263 -21.18 8.73 0.54
C TYR B 263 -22.38 7.82 0.30
N LYS B 264 -23.41 7.99 1.11
CA LYS B 264 -24.60 7.17 0.95
C LYS B 264 -25.82 7.80 1.58
N ASP B 265 -25.69 8.21 2.84
CA ASP B 265 -26.81 8.76 3.58
C ASP B 265 -27.24 10.22 3.66
N GLY B 266 -26.49 11.09 4.32
CA GLY B 266 -26.98 12.46 4.44
C GLY B 266 -26.71 13.36 3.25
N LEU B 267 -27.18 12.95 2.06
CA LEU B 267 -26.91 13.70 0.84
C LEU B 267 -27.62 15.04 0.63
N ALA B 268 -28.52 15.43 1.53
CA ALA B 268 -29.21 16.70 1.39
C ALA B 268 -28.93 17.54 2.65
N PRO B 269 -27.69 18.04 2.79
CA PRO B 269 -27.23 18.86 3.93
C PRO B 269 -27.86 20.24 4.16
N LEU B 270 -28.29 20.91 3.10
CA LEU B 270 -28.86 22.25 3.26
C LEU B 270 -30.36 22.31 3.51
N PRO B 271 -30.78 23.25 4.37
CA PRO B 271 -32.18 23.47 4.72
C PRO B 271 -32.85 24.38 3.68
N GLY B 272 -34.15 24.55 3.78
CA GLY B 272 -34.86 25.41 2.86
C GLY B 272 -34.88 26.83 3.42
N LYS B 273 -34.86 27.80 2.53
CA LYS B 273 -34.88 29.20 2.93
C LYS B 273 -35.38 30.00 1.74
N GLY B 274 -36.31 30.92 1.98
CA GLY B 274 -36.83 31.71 0.89
C GLY B 274 -35.78 32.59 0.25
N LEU B 275 -35.82 32.68 -1.08
CA LEU B 275 -34.87 33.51 -1.82
C LEU B 275 -34.90 34.97 -1.36
N THR B 276 -36.08 35.46 -1.04
CA THR B 276 -36.25 36.84 -0.61
C THR B 276 -36.59 36.94 0.88
N THR B 277 -36.14 35.97 1.66
CA THR B 277 -36.37 35.96 3.09
C THR B 277 -35.05 36.21 3.78
N TYR B 278 -35.02 37.23 4.64
CA TYR B 278 -33.81 37.57 5.38
C TYR B 278 -33.53 36.52 6.46
N SER C 1 -3.73 41.43 -25.86
CA SER C 1 -4.68 41.80 -24.76
C SER C 1 -4.97 40.53 -23.95
N VAL C 2 -5.79 40.68 -22.91
CA VAL C 2 -6.18 39.56 -22.06
C VAL C 2 -6.91 38.48 -22.90
N ARG C 3 -7.49 38.92 -24.02
CA ARG C 3 -8.31 38.10 -24.90
C ARG C 3 -7.69 37.37 -26.10
N VAL C 4 -6.56 37.83 -26.61
CA VAL C 4 -5.93 37.14 -27.76
C VAL C 4 -4.62 36.48 -27.32
N MET C 5 -4.46 35.21 -27.70
CA MET C 5 -3.28 34.44 -27.35
C MET C 5 -2.91 33.42 -28.40
N GLN C 6 -1.69 32.92 -28.29
CA GLN C 6 -1.20 31.87 -29.15
C GLN C 6 -0.28 31.00 -28.29
N LEU C 7 -0.53 29.71 -28.31
CA LEU C 7 0.25 28.74 -27.55
C LEU C 7 0.94 27.82 -28.55
N THR C 8 2.25 27.68 -28.44
CA THR C 8 3.01 26.81 -29.34
C THR C 8 3.82 25.81 -28.54
N LEU C 9 3.60 24.53 -28.79
CA LEU C 9 4.33 23.46 -28.11
C LEU C 9 4.64 22.41 -29.15
N GLY C 10 5.93 22.18 -29.40
CA GLY C 10 6.32 21.20 -30.39
C GLY C 10 5.86 21.63 -31.77
N ASN C 11 5.10 20.78 -32.45
CA ASN C 11 4.59 21.09 -33.79
C ASN C 11 3.13 21.53 -33.79
N SER C 12 2.62 21.92 -32.62
CA SER C 12 1.23 22.31 -32.49
C SER C 12 1.05 23.72 -31.95
N THR C 13 0.14 24.46 -32.56
CA THR C 13 -0.16 25.83 -32.16
C THR C 13 -1.67 25.98 -31.98
N ILE C 14 -2.03 26.73 -30.95
CA ILE C 14 -3.43 27.01 -30.62
C ILE C 14 -3.59 28.53 -30.61
N THR C 15 -4.64 29.03 -31.26
CA THR C 15 -4.89 30.47 -31.26
C THR C 15 -6.28 30.68 -30.68
N THR C 16 -6.47 31.81 -30.02
CA THR C 16 -7.77 32.15 -29.47
C THR C 16 -7.91 33.66 -29.55
N GLN C 17 -9.14 34.12 -29.81
CA GLN C 17 -9.40 35.54 -29.94
C GLN C 17 -10.37 35.99 -28.84
N GLU C 18 -10.78 35.07 -27.99
CA GLU C 18 -11.68 35.35 -26.88
C GLU C 18 -11.32 34.59 -25.61
N ALA C 19 -10.15 34.91 -25.07
CA ALA C 19 -9.68 34.29 -23.86
C ALA C 19 -10.06 35.21 -22.69
N ALA C 20 -9.85 34.71 -21.48
CA ALA C 20 -10.12 35.48 -20.27
C ALA C 20 -8.87 35.23 -19.43
N ASN C 21 -7.70 35.51 -20.02
CA ASN C 21 -6.40 35.30 -19.38
C ASN C 21 -6.16 33.79 -19.29
N SER C 22 -5.17 33.37 -18.51
CA SER C 22 -4.88 31.95 -18.33
C SER C 22 -4.51 31.80 -16.88
N VAL C 23 -4.76 30.62 -16.33
CA VAL C 23 -4.45 30.35 -14.95
C VAL C 23 -3.24 29.42 -14.86
N VAL C 24 -2.32 29.73 -13.96
CA VAL C 24 -1.15 28.89 -13.73
C VAL C 24 -1.41 28.38 -12.31
N ALA C 25 -1.79 27.11 -12.20
CA ALA C 25 -2.15 26.50 -10.93
C ALA C 25 -1.15 26.70 -9.80
N TYR C 26 -1.63 27.26 -8.69
CA TYR C 26 -0.82 27.53 -7.51
C TYR C 26 0.37 28.42 -7.81
N GLY C 27 0.31 29.10 -8.95
CA GLY C 27 1.39 29.97 -9.36
C GLY C 27 2.65 29.23 -9.74
N ARG C 28 2.56 27.93 -9.96
CA ARG C 28 3.73 27.13 -10.31
C ARG C 28 3.70 26.64 -11.72
N TRP C 29 4.78 26.91 -12.43
CA TRP C 29 4.92 26.50 -13.80
C TRP C 29 5.59 25.12 -13.73
N PRO C 30 5.22 24.18 -14.62
CA PRO C 30 5.84 22.86 -14.58
C PRO C 30 7.36 22.92 -14.76
N GLU C 31 8.06 22.00 -14.11
CA GLU C 31 9.53 21.96 -14.18
C GLU C 31 10.02 20.52 -14.06
N TYR C 32 11.29 20.29 -14.36
CA TYR C 32 11.88 18.97 -14.24
C TYR C 32 12.37 18.76 -12.81
N ILE C 33 12.68 17.52 -12.44
CA ILE C 33 13.15 17.20 -11.10
C ILE C 33 14.57 17.74 -10.92
N LYS C 34 14.80 18.44 -9.81
CA LYS C 34 16.12 18.99 -9.51
C LYS C 34 16.92 17.88 -8.85
N ASP C 35 18.24 17.98 -8.92
CA ASP C 35 19.10 16.98 -8.30
C ASP C 35 18.88 16.85 -6.80
N SER C 36 18.46 17.94 -6.17
CA SER C 36 18.22 17.95 -4.73
C SER C 36 16.89 17.32 -4.36
N GLU C 37 16.05 17.07 -5.35
CA GLU C 37 14.77 16.44 -5.11
C GLU C 37 14.66 15.12 -5.86
N ALA C 38 15.74 14.70 -6.49
CA ALA C 38 15.78 13.47 -7.26
C ALA C 38 15.68 12.23 -6.36
N ASN C 39 15.11 11.15 -6.90
CA ASN C 39 14.96 9.90 -6.15
C ASN C 39 15.53 8.71 -6.97
N PRO C 40 14.90 8.33 -8.10
CA PRO C 40 15.43 7.20 -8.88
C PRO C 40 16.79 7.65 -9.42
N VAL C 41 17.78 6.78 -9.34
CA VAL C 41 19.13 7.12 -9.77
C VAL C 41 19.47 6.97 -11.24
N ASP C 42 18.64 6.27 -11.99
CA ASP C 42 18.92 6.06 -13.41
C ASP C 42 18.67 7.29 -14.27
N GLN C 43 19.36 7.36 -15.39
CA GLN C 43 19.22 8.46 -16.35
C GLN C 43 17.80 8.50 -16.89
N PRO C 44 17.12 9.65 -16.77
CA PRO C 44 15.74 9.79 -17.26
C PRO C 44 15.69 9.98 -18.78
N THR C 45 14.51 9.74 -19.35
CA THR C 45 14.29 9.97 -20.77
C THR C 45 13.43 11.22 -20.78
N GLU C 46 13.71 12.11 -21.72
CA GLU C 46 12.91 13.32 -21.83
C GLU C 46 12.62 13.47 -23.32
N PRO C 47 11.49 12.89 -23.78
CA PRO C 47 11.01 12.90 -25.17
C PRO C 47 10.95 14.29 -25.78
N ASP C 48 10.70 15.27 -24.91
CA ASP C 48 10.61 16.65 -25.30
C ASP C 48 9.52 16.88 -26.36
N VAL C 49 9.85 17.44 -27.53
CA VAL C 49 8.86 17.72 -28.56
C VAL C 49 7.94 16.58 -29.02
N ALA C 50 8.40 15.35 -28.90
CA ALA C 50 7.61 14.20 -29.32
C ALA C 50 6.45 13.90 -28.37
N ALA C 51 6.59 14.28 -27.11
CA ALA C 51 5.55 14.04 -26.11
C ALA C 51 4.92 15.33 -25.62
N CYS C 52 5.69 16.40 -25.55
CA CYS C 52 5.19 17.68 -25.09
C CYS C 52 4.64 18.51 -26.25
N ARG C 53 3.41 18.18 -26.63
CA ARG C 53 2.71 18.81 -27.73
C ARG C 53 1.21 18.70 -27.44
N PHE C 54 0.41 19.44 -28.18
CA PHE C 54 -1.05 19.43 -27.98
C PHE C 54 -1.75 18.23 -28.63
N TYR C 55 -2.46 17.48 -27.78
CA TYR C 55 -3.23 16.33 -28.18
C TYR C 55 -4.70 16.65 -27.96
N THR C 56 -5.52 16.47 -28.99
CA THR C 56 -6.95 16.74 -28.89
C THR C 56 -7.73 15.46 -28.59
N LEU C 57 -8.34 15.44 -27.40
CA LEU C 57 -9.14 14.30 -26.95
C LEU C 57 -10.52 14.44 -27.60
N ASP C 58 -11.38 13.45 -27.41
CA ASP C 58 -12.71 13.51 -28.04
C ASP C 58 -13.60 14.66 -27.58
N THR C 59 -14.35 15.21 -28.54
CA THR C 59 -15.28 16.33 -28.34
C THR C 59 -16.59 15.84 -27.70
N VAL C 60 -17.05 16.54 -26.66
CA VAL C 60 -18.30 16.17 -26.00
C VAL C 60 -19.35 17.23 -26.37
N THR C 61 -20.62 16.91 -26.24
CA THR C 61 -21.63 17.91 -26.59
C THR C 61 -22.46 18.36 -25.39
N TRP C 62 -22.55 19.67 -25.26
CA TRP C 62 -23.27 20.32 -24.18
C TRP C 62 -24.73 20.56 -24.62
N ARG C 63 -25.67 20.09 -23.79
CA ARG C 63 -27.10 20.25 -24.02
C ARG C 63 -27.70 20.83 -22.76
N LYS C 64 -28.94 21.30 -22.84
CA LYS C 64 -29.62 21.86 -21.67
C LYS C 64 -29.62 20.88 -20.48
N GLU C 65 -29.64 19.59 -20.79
CA GLU C 65 -29.69 18.54 -19.78
C GLU C 65 -28.35 18.00 -19.24
N SER C 66 -27.21 18.46 -19.76
CA SER C 66 -25.92 17.96 -19.32
C SER C 66 -25.63 18.26 -17.85
N ARG C 67 -25.05 17.29 -17.14
CA ARG C 67 -24.72 17.46 -15.72
C ARG C 67 -23.25 17.78 -15.48
N GLY C 68 -22.39 17.38 -16.42
CA GLY C 68 -20.97 17.63 -16.28
C GLY C 68 -20.12 16.48 -16.78
N TRP C 69 -18.82 16.73 -16.92
CA TRP C 69 -17.86 15.74 -17.40
C TRP C 69 -16.60 15.76 -16.55
N TRP C 70 -15.83 14.67 -16.59
CA TRP C 70 -14.59 14.59 -15.84
C TRP C 70 -13.58 13.71 -16.58
N TRP C 71 -12.30 13.98 -16.36
CA TRP C 71 -11.19 13.23 -16.96
C TRP C 71 -10.12 13.14 -15.90
N LYS C 72 -9.19 12.20 -16.06
CA LYS C 72 -8.09 12.02 -15.12
C LYS C 72 -6.78 12.10 -15.90
N LEU C 73 -5.76 12.70 -15.31
CA LEU C 73 -4.44 12.83 -15.94
C LEU C 73 -3.40 12.05 -15.12
N PRO C 74 -2.46 11.36 -15.77
CA PRO C 74 -2.23 11.19 -17.20
C PRO C 74 -3.14 10.23 -17.96
N ASP C 75 -4.07 9.58 -17.27
CA ASP C 75 -4.99 8.64 -17.88
C ASP C 75 -5.57 9.00 -19.26
N ALA C 76 -6.19 10.17 -19.38
CA ALA C 76 -6.79 10.61 -20.64
C ALA C 76 -5.83 10.67 -21.83
N LEU C 77 -4.54 10.72 -21.54
CA LEU C 77 -3.51 10.80 -22.57
C LEU C 77 -2.71 9.52 -22.77
N LYS C 78 -3.11 8.43 -22.11
CA LYS C 78 -2.38 7.17 -22.20
C LYS C 78 -2.24 6.56 -23.60
N ASP C 79 -3.13 6.93 -24.52
CA ASP C 79 -3.06 6.41 -25.89
C ASP C 79 -2.62 7.49 -26.86
N MET C 80 -2.13 8.60 -26.33
CA MET C 80 -1.70 9.71 -27.18
C MET C 80 -0.26 9.63 -27.65
N GLY C 81 -0.10 9.32 -28.93
CA GLY C 81 1.21 9.23 -29.57
C GLY C 81 2.36 8.67 -28.76
N LEU C 82 3.49 9.35 -28.81
CA LEU C 82 4.70 8.95 -28.10
C LEU C 82 4.64 9.23 -26.60
N PHE C 83 3.65 10.01 -26.16
CA PHE C 83 3.51 10.25 -24.72
C PHE C 83 3.05 8.94 -24.10
N GLY C 84 2.04 8.31 -24.72
CA GLY C 84 1.52 7.05 -24.22
C GLY C 84 2.55 5.94 -24.25
N GLN C 85 3.39 5.93 -25.28
CA GLN C 85 4.44 4.92 -25.40
C GLN C 85 5.43 4.98 -24.25
N ASN C 86 5.87 6.18 -23.95
CA ASN C 86 6.82 6.41 -22.87
C ASN C 86 6.20 6.10 -21.52
N MET C 87 4.92 6.41 -21.38
CA MET C 87 4.18 6.14 -20.15
C MET C 87 4.17 4.65 -19.83
N PHE C 88 3.89 3.84 -20.84
CA PHE C 88 3.82 2.38 -20.67
C PHE C 88 5.14 1.63 -20.63
N TYR C 89 6.18 2.20 -21.21
CA TYR C 89 7.49 1.56 -21.22
C TYR C 89 8.29 1.79 -19.96
N HIS C 90 7.90 2.80 -19.19
CA HIS C 90 8.60 3.15 -17.98
C HIS C 90 7.80 2.92 -16.73
N TYR C 91 8.49 2.47 -15.68
CA TYR C 91 7.92 2.21 -14.37
C TYR C 91 7.45 3.54 -13.75
N LEU C 92 8.28 4.58 -13.87
CA LEU C 92 7.99 5.90 -13.31
C LEU C 92 7.87 6.96 -14.40
N GLY C 93 7.05 7.97 -14.16
CA GLY C 93 6.85 9.05 -15.11
C GLY C 93 6.35 10.30 -14.40
N ARG C 94 6.68 11.47 -14.94
CA ARG C 94 6.28 12.75 -14.36
C ARG C 94 6.00 13.74 -15.50
N ALA C 95 4.96 14.56 -15.34
CA ALA C 95 4.59 15.54 -16.36
C ALA C 95 3.65 16.60 -15.82
N GLY C 96 3.73 17.79 -16.42
CA GLY C 96 2.86 18.91 -16.08
C GLY C 96 1.96 19.00 -17.30
N TYR C 97 1.02 19.94 -17.34
CA TYR C 97 0.11 20.03 -18.50
C TYR C 97 -0.38 21.43 -18.78
N THR C 98 -0.82 21.64 -20.02
CA THR C 98 -1.44 22.90 -20.45
C THR C 98 -2.80 22.38 -20.95
N VAL C 99 -3.85 22.66 -20.19
CA VAL C 99 -5.20 22.24 -20.54
C VAL C 99 -5.92 23.38 -21.23
N HIS C 100 -6.37 23.15 -22.44
CA HIS C 100 -7.09 24.17 -23.19
C HIS C 100 -8.47 23.64 -23.59
N VAL C 101 -9.49 24.15 -22.91
CA VAL C 101 -10.87 23.75 -23.18
C VAL C 101 -11.47 24.75 -24.19
N GLN C 102 -12.12 24.23 -25.23
CA GLN C 102 -12.72 25.05 -26.28
C GLN C 102 -14.23 24.94 -26.37
N CYS C 103 -14.91 26.07 -26.46
CA CYS C 103 -16.37 26.12 -26.54
C CYS C 103 -16.88 27.48 -27.06
N ASN C 104 -17.21 27.54 -28.34
CA ASN C 104 -17.72 28.77 -28.93
C ASN C 104 -19.21 28.63 -29.22
N ALA C 105 -19.94 29.74 -29.21
CA ALA C 105 -21.37 29.74 -29.48
C ALA C 105 -21.71 30.98 -30.30
N SER C 106 -22.55 31.87 -29.78
CA SER C 106 -22.93 33.08 -30.49
C SER C 106 -23.38 34.09 -29.45
N LYS C 107 -23.68 35.30 -29.88
CA LYS C 107 -24.12 36.36 -28.97
C LYS C 107 -25.54 36.22 -28.44
N PHE C 108 -26.26 35.22 -28.92
CA PHE C 108 -27.64 34.95 -28.50
C PHE C 108 -27.79 33.67 -27.68
N HIS C 109 -26.65 33.11 -27.27
CA HIS C 109 -26.60 31.90 -26.46
C HIS C 109 -26.20 32.30 -25.03
N GLN C 110 -26.50 31.47 -24.03
CA GLN C 110 -26.13 31.73 -22.64
C GLN C 110 -25.62 30.43 -22.07
N GLY C 111 -24.95 30.52 -20.93
CA GLY C 111 -24.43 29.34 -20.29
C GLY C 111 -23.06 29.64 -19.75
N ALA C 112 -22.68 28.94 -18.70
CA ALA C 112 -21.39 29.13 -18.08
C ALA C 112 -20.89 27.77 -17.65
N LEU C 113 -19.65 27.46 -18.00
CA LEU C 113 -19.02 26.19 -17.63
C LEU C 113 -17.90 26.45 -16.64
N GLY C 114 -17.89 25.70 -15.55
CA GLY C 114 -16.84 25.85 -14.57
C GLY C 114 -15.81 24.77 -14.87
N VAL C 115 -14.58 25.17 -15.16
CA VAL C 115 -13.50 24.23 -15.47
C VAL C 115 -12.53 24.18 -14.28
N PHE C 116 -12.51 23.06 -13.58
CA PHE C 116 -11.65 22.91 -12.40
C PHE C 116 -10.56 21.84 -12.57
N ALA C 117 -9.38 22.14 -12.07
CA ALA C 117 -8.26 21.21 -12.10
C ALA C 117 -8.07 20.83 -10.63
N VAL C 118 -8.32 19.56 -10.33
CA VAL C 118 -8.23 19.06 -8.96
C VAL C 118 -7.11 18.06 -8.70
N PRO C 119 -6.21 18.35 -7.73
CA PRO C 119 -5.12 17.42 -7.42
C PRO C 119 -5.73 16.28 -6.59
N GLU C 120 -5.41 15.03 -6.93
CA GLU C 120 -5.96 13.86 -6.21
C GLU C 120 -7.48 13.84 -6.23
N MET C 121 -8.08 13.99 -7.41
CA MET C 121 -9.53 14.01 -7.56
C MET C 121 -10.20 12.64 -7.37
N CYS C 122 -10.33 12.21 -6.12
CA CYS C 122 -10.96 10.95 -5.80
C CYS C 122 -12.47 11.08 -5.92
N LEU C 123 -13.09 10.15 -6.64
CA LEU C 123 -14.54 10.16 -6.84
C LEU C 123 -15.25 9.08 -6.02
N ALA C 124 -16.53 9.28 -5.76
CA ALA C 124 -17.34 8.34 -4.99
C ALA C 124 -17.84 7.18 -5.86
N GLY C 125 -17.97 6.01 -5.23
CA GLY C 125 -18.42 4.81 -5.93
C GLY C 125 -19.92 4.61 -5.95
N ASP C 126 -20.34 3.42 -6.40
CA ASP C 126 -21.76 3.11 -6.49
C ASP C 126 -22.28 2.05 -5.53
N SER C 127 -21.39 1.36 -4.80
CA SER C 127 -21.84 0.32 -3.88
C SER C 127 -21.66 0.63 -2.38
N THR C 128 -22.15 -0.28 -1.56
CA THR C 128 -22.04 -0.16 -0.11
C THR C 128 -20.65 -0.65 0.33
N THR C 129 -19.94 -1.26 -0.61
CA THR C 129 -18.58 -1.74 -0.38
C THR C 129 -17.67 -0.54 -0.64
N HIS C 130 -16.84 -0.22 0.35
CA HIS C 130 -15.95 0.93 0.26
C HIS C 130 -14.75 0.74 -0.66
N MET C 131 -14.45 1.78 -1.43
CA MET C 131 -13.32 1.79 -2.36
C MET C 131 -13.41 0.60 -3.33
N PHE C 132 -14.64 0.28 -3.72
CA PHE C 132 -14.92 -0.85 -4.60
C PHE C 132 -14.77 -0.60 -6.11
N THR C 133 -14.63 0.65 -6.53
CA THR C 133 -14.51 0.92 -7.97
C THR C 133 -13.28 0.21 -8.52
N LYS C 134 -13.45 -0.52 -9.62
CA LYS C 134 -12.34 -1.24 -10.20
C LYS C 134 -11.50 -0.40 -11.15
N TYR C 135 -10.22 -0.76 -11.25
CA TYR C 135 -9.25 -0.07 -12.10
C TYR C 135 -9.76 0.33 -13.49
N GLU C 136 -10.38 -0.61 -14.20
CA GLU C 136 -10.91 -0.38 -15.55
C GLU C 136 -11.94 0.74 -15.63
N ASN C 137 -12.73 0.89 -14.58
CA ASN C 137 -13.77 1.91 -14.53
C ASN C 137 -13.25 3.27 -14.08
N ALA C 138 -12.24 3.25 -13.22
CA ALA C 138 -11.62 4.46 -12.70
C ALA C 138 -10.75 5.15 -13.76
N ASN C 139 -10.30 4.37 -14.74
CA ASN C 139 -9.45 4.88 -15.82
C ASN C 139 -10.08 4.73 -17.20
N PRO C 140 -11.06 5.59 -17.53
CA PRO C 140 -11.75 5.55 -18.82
C PRO C 140 -10.94 6.01 -20.05
N GLY C 141 -9.82 6.69 -19.82
CA GLY C 141 -9.02 7.18 -20.93
C GLY C 141 -9.60 8.48 -21.45
N GLU C 142 -9.26 8.79 -22.68
CA GLU C 142 -9.70 10.02 -23.35
C GLU C 142 -11.19 10.31 -23.35
N LYS C 143 -12.02 9.30 -23.22
CA LYS C 143 -13.46 9.55 -23.22
C LYS C 143 -13.96 10.05 -21.86
N GLY C 144 -13.16 9.84 -20.81
CA GLY C 144 -13.51 10.30 -19.48
C GLY C 144 -14.83 9.81 -18.93
N GLY C 145 -15.49 10.65 -18.16
CA GLY C 145 -16.76 10.26 -17.57
C GLY C 145 -17.74 11.40 -17.47
N GLU C 146 -18.83 11.17 -16.74
CA GLU C 146 -19.88 12.17 -16.55
C GLU C 146 -20.40 12.24 -15.13
N PHE C 147 -20.93 13.41 -14.78
CA PHE C 147 -21.51 13.64 -13.47
C PHE C 147 -22.98 13.30 -13.55
N LYS C 148 -23.57 12.97 -12.41
CA LYS C 148 -24.98 12.62 -12.36
C LYS C 148 -25.71 13.58 -11.46
N GLY C 149 -27.02 13.66 -11.63
CA GLY C 149 -27.84 14.53 -10.82
C GLY C 149 -28.22 13.93 -9.49
N SER C 150 -28.02 12.63 -9.33
CA SER C 150 -28.36 11.95 -8.08
C SER C 150 -27.58 10.65 -7.85
N PHE C 151 -27.52 10.22 -6.59
CA PHE C 151 -26.82 8.99 -6.24
C PHE C 151 -27.73 7.79 -6.41
N THR C 152 -27.23 6.78 -7.12
CA THR C 152 -27.98 5.57 -7.32
C THR C 152 -27.09 4.36 -7.01
N LEU C 153 -27.42 3.71 -5.90
CA LEU C 153 -26.70 2.56 -5.38
C LEU C 153 -26.84 1.30 -6.23
N ASP C 154 -25.70 0.72 -6.62
CA ASP C 154 -25.71 -0.51 -7.39
C ASP C 154 -26.02 -1.66 -6.44
N THR C 155 -27.11 -2.37 -6.74
CA THR C 155 -27.57 -3.48 -5.92
C THR C 155 -27.33 -4.88 -6.50
N ASN C 156 -26.89 -4.97 -7.75
CA ASN C 156 -26.63 -6.27 -8.37
C ASN C 156 -25.44 -6.93 -7.68
N ALA C 157 -25.75 -7.82 -6.74
CA ALA C 157 -24.70 -8.52 -5.99
C ALA C 157 -23.96 -9.55 -6.83
N THR C 158 -24.67 -10.15 -7.77
CA THR C 158 -24.10 -11.15 -8.65
C THR C 158 -23.06 -10.52 -9.58
N ASN C 159 -23.41 -9.36 -10.13
CA ASN C 159 -22.52 -8.65 -11.04
C ASN C 159 -22.45 -7.17 -10.72
N PRO C 160 -21.71 -6.83 -9.65
CA PRO C 160 -21.58 -5.42 -9.27
C PRO C 160 -20.84 -4.66 -10.37
N ALA C 161 -21.31 -3.45 -10.66
CA ALA C 161 -20.70 -2.60 -11.68
C ALA C 161 -19.32 -2.11 -11.26
N ARG C 162 -19.14 -1.88 -9.96
CA ARG C 162 -17.87 -1.40 -9.41
C ARG C 162 -17.43 -0.16 -10.15
N ASN C 163 -18.35 0.79 -10.25
CA ASN C 163 -18.10 2.04 -10.96
C ASN C 163 -18.30 3.23 -10.04
N PHE C 164 -18.05 4.43 -10.57
CA PHE C 164 -18.20 5.66 -9.81
C PHE C 164 -19.65 6.13 -9.93
N CYS C 165 -20.09 6.94 -8.98
CA CYS C 165 -21.41 7.55 -9.02
C CYS C 165 -21.19 8.98 -8.50
N PRO C 166 -20.58 9.84 -9.34
CA PRO C 166 -20.29 11.22 -8.99
C PRO C 166 -21.53 12.10 -9.13
N VAL C 167 -22.09 12.53 -8.01
CA VAL C 167 -23.25 13.40 -8.03
C VAL C 167 -22.71 14.81 -8.21
N ASP C 168 -23.27 15.57 -9.15
CA ASP C 168 -22.78 16.90 -9.43
C ASP C 168 -22.70 17.94 -8.31
N TYR C 169 -23.79 18.18 -7.58
CA TYR C 169 -23.75 19.18 -6.52
C TYR C 169 -22.87 18.78 -5.33
N LEU C 170 -22.49 17.50 -5.29
CA LEU C 170 -21.62 16.98 -4.24
C LEU C 170 -20.20 16.82 -4.78
N PHE C 171 -19.95 17.45 -5.93
CA PHE C 171 -18.66 17.42 -6.63
C PHE C 171 -18.11 15.99 -6.82
N GLY C 172 -19.02 15.03 -6.86
CA GLY C 172 -18.64 13.64 -7.01
C GLY C 172 -17.82 13.07 -5.88
N SER C 173 -17.72 13.77 -4.75
CA SER C 173 -16.91 13.30 -3.63
C SER C 173 -17.39 13.66 -2.21
N GLY C 174 -18.63 14.11 -2.09
CA GLY C 174 -19.16 14.42 -0.77
C GLY C 174 -18.85 15.80 -0.22
N VAL C 175 -18.54 16.74 -1.10
CA VAL C 175 -18.23 18.13 -0.72
C VAL C 175 -19.17 18.98 -1.57
N LEU C 176 -19.49 20.19 -1.16
CA LEU C 176 -20.38 21.01 -1.99
C LEU C 176 -19.64 21.62 -3.18
N ALA C 177 -20.21 21.48 -4.37
CA ALA C 177 -19.63 21.99 -5.61
C ALA C 177 -19.29 23.48 -5.64
N GLY C 178 -20.05 24.28 -4.89
CA GLY C 178 -19.80 25.72 -4.87
C GLY C 178 -18.47 26.09 -4.25
N ASN C 179 -17.89 25.15 -3.49
CA ASN C 179 -16.60 25.34 -2.84
C ASN C 179 -15.45 24.83 -3.68
N ALA C 180 -15.76 24.27 -4.85
CA ALA C 180 -14.73 23.74 -5.74
C ALA C 180 -13.87 24.85 -6.35
N PHE C 181 -14.24 26.10 -6.07
CA PHE C 181 -13.51 27.26 -6.57
C PHE C 181 -12.17 27.48 -5.84
N VAL C 182 -11.90 26.67 -4.83
CA VAL C 182 -10.64 26.75 -4.10
C VAL C 182 -9.56 26.03 -4.92
N TYR C 183 -9.97 25.37 -6.00
CA TYR C 183 -9.05 24.65 -6.89
C TYR C 183 -8.82 25.55 -8.10
N PRO C 184 -7.63 25.45 -8.72
CA PRO C 184 -7.35 26.28 -9.90
C PRO C 184 -8.49 26.09 -10.93
N HIS C 185 -9.01 27.18 -11.47
CA HIS C 185 -10.13 27.10 -12.40
C HIS C 185 -10.27 28.36 -13.26
N GLN C 186 -11.22 28.29 -14.19
CA GLN C 186 -11.60 29.38 -15.07
C GLN C 186 -13.05 29.09 -15.35
N ILE C 187 -13.79 30.08 -15.85
CA ILE C 187 -15.19 29.89 -16.18
C ILE C 187 -15.38 30.29 -17.63
N ILE C 188 -16.07 29.44 -18.40
CA ILE C 188 -16.36 29.76 -19.79
C ILE C 188 -17.82 30.22 -19.81
N ASN C 189 -18.01 31.52 -19.67
CA ASN C 189 -19.32 32.14 -19.68
C ASN C 189 -19.48 32.54 -21.15
N LEU C 190 -20.44 31.95 -21.86
CA LEU C 190 -20.64 32.21 -23.29
C LEU C 190 -20.66 33.67 -23.77
N ARG C 191 -21.12 34.59 -22.91
CA ARG C 191 -21.16 36.01 -23.27
C ARG C 191 -19.80 36.70 -23.14
N THR C 192 -18.80 36.00 -22.58
CA THR C 192 -17.46 36.54 -22.35
C THR C 192 -16.29 35.85 -23.08
N ASN C 193 -16.16 34.53 -22.94
CA ASN C 193 -15.06 33.81 -23.55
C ASN C 193 -15.37 32.50 -24.31
N ASN C 194 -14.38 32.07 -25.08
CA ASN C 194 -14.37 30.87 -25.92
C ASN C 194 -13.79 29.68 -25.25
N CYS C 195 -12.85 29.97 -24.35
CA CYS C 195 -12.09 28.91 -23.73
C CYS C 195 -11.65 29.20 -22.32
N ALA C 196 -10.92 28.22 -21.79
CA ALA C 196 -10.34 28.26 -20.47
C ALA C 196 -8.96 27.63 -20.69
N THR C 197 -7.93 28.25 -20.12
CA THR C 197 -6.57 27.73 -20.24
C THR C 197 -5.94 27.62 -18.86
N LEU C 198 -5.49 26.42 -18.51
CA LEU C 198 -4.85 26.18 -17.23
C LEU C 198 -3.50 25.48 -17.39
N VAL C 199 -2.46 26.03 -16.77
CA VAL C 199 -1.12 25.45 -16.80
C VAL C 199 -0.98 24.76 -15.45
N LEU C 200 -0.79 23.46 -15.47
CA LEU C 200 -0.69 22.65 -14.26
C LEU C 200 0.71 22.08 -14.02
N PRO C 201 1.32 22.42 -12.86
CA PRO C 201 2.65 21.88 -12.57
C PRO C 201 2.45 20.45 -12.07
N TYR C 202 3.51 19.68 -11.88
CA TYR C 202 3.32 18.34 -11.35
C TYR C 202 3.06 18.49 -9.85
N VAL C 203 1.96 17.91 -9.36
CA VAL C 203 1.61 17.95 -7.95
C VAL C 203 1.52 16.52 -7.44
N ASN C 204 2.20 16.24 -6.33
CA ASN C 204 2.21 14.91 -5.73
C ASN C 204 3.04 15.02 -4.45
N SER C 205 3.01 13.99 -3.61
CA SER C 205 3.78 13.98 -2.36
C SER C 205 5.14 13.33 -2.60
N LEU C 206 5.45 13.05 -3.86
CA LEU C 206 6.68 12.42 -4.29
C LEU C 206 7.14 13.21 -5.50
N SER C 207 8.40 13.06 -5.88
CA SER C 207 8.94 13.76 -7.03
C SER C 207 8.54 13.06 -8.33
N ILE C 208 8.37 11.74 -8.28
CA ILE C 208 7.98 10.97 -9.45
C ILE C 208 7.17 9.76 -8.95
N ASP C 209 6.26 9.27 -9.78
CA ASP C 209 5.41 8.16 -9.38
C ASP C 209 5.05 7.28 -10.57
N SER C 210 4.21 6.29 -10.34
CA SER C 210 3.76 5.38 -11.36
C SER C 210 2.56 6.06 -12.03
N MET C 211 2.63 6.30 -13.34
CA MET C 211 1.54 6.95 -14.05
C MET C 211 0.37 6.01 -14.30
N THR C 212 0.62 4.71 -14.28
CA THR C 212 -0.43 3.74 -14.50
C THR C 212 -1.24 3.49 -13.23
N LYS C 213 -0.59 3.51 -12.07
CA LYS C 213 -1.28 3.29 -10.80
C LYS C 213 -1.93 4.56 -10.25
N HIS C 214 -1.33 5.70 -10.54
CA HIS C 214 -1.77 6.97 -9.98
C HIS C 214 -2.07 8.12 -10.94
N ASN C 215 -3.24 8.75 -10.74
CA ASN C 215 -3.66 9.91 -11.53
C ASN C 215 -3.45 11.14 -10.62
N ASN C 216 -2.62 12.07 -11.08
CA ASN C 216 -2.28 13.25 -10.32
C ASN C 216 -3.33 14.36 -10.31
N TRP C 217 -3.88 14.64 -11.48
CA TRP C 217 -4.88 15.68 -11.65
C TRP C 217 -6.18 15.13 -12.20
N GLY C 218 -7.25 15.86 -11.92
CA GLY C 218 -8.55 15.51 -12.42
C GLY C 218 -9.10 16.79 -13.03
N ILE C 219 -9.80 16.67 -14.15
CA ILE C 219 -10.38 17.83 -14.80
C ILE C 219 -11.89 17.65 -14.70
N ALA C 220 -12.57 18.60 -14.07
CA ALA C 220 -14.01 18.55 -13.90
C ALA C 220 -14.64 19.74 -14.60
N ILE C 221 -15.64 19.48 -15.43
CA ILE C 221 -16.35 20.55 -16.13
C ILE C 221 -17.84 20.44 -15.73
N LEU C 222 -18.37 21.47 -15.09
CA LEU C 222 -19.77 21.49 -14.66
C LEU C 222 -20.53 22.70 -15.21
N PRO C 223 -21.77 22.48 -15.70
CA PRO C 223 -22.55 23.61 -16.23
C PRO C 223 -23.04 24.43 -15.02
N LEU C 224 -22.44 25.59 -14.79
CA LEU C 224 -22.82 26.44 -13.66
C LEU C 224 -24.15 27.16 -13.97
N ALA C 225 -24.31 27.53 -15.23
CA ALA C 225 -25.52 28.16 -15.74
C ALA C 225 -25.76 27.34 -17.00
N PRO C 226 -26.90 26.63 -17.07
CA PRO C 226 -27.26 25.77 -18.21
C PRO C 226 -27.31 26.45 -19.58
N LEU C 227 -27.09 25.65 -20.62
CA LEU C 227 -27.10 26.12 -22.00
C LEU C 227 -28.51 26.51 -22.42
N ASP C 228 -28.63 27.68 -23.04
CA ASP C 228 -29.93 28.13 -23.52
C ASP C 228 -29.77 28.95 -24.78
N PHE C 229 -30.71 28.81 -25.71
CA PHE C 229 -30.61 29.55 -26.95
C PHE C 229 -31.95 30.05 -27.44
N ALA C 230 -31.92 31.26 -28.02
CA ALA C 230 -33.07 31.95 -28.60
C ALA C 230 -34.39 31.45 -28.09
N THR C 231 -34.84 30.33 -28.67
CA THR C 231 -36.09 29.69 -28.29
C THR C 231 -36.00 28.19 -28.68
N GLU C 232 -34.80 27.77 -29.01
CA GLU C 232 -34.60 26.39 -29.41
C GLU C 232 -34.34 25.57 -28.17
N SER C 233 -35.38 24.85 -27.74
CA SER C 233 -35.32 23.93 -26.59
C SER C 233 -34.16 22.97 -26.97
N SER C 234 -34.02 22.84 -28.28
CA SER C 234 -33.00 22.03 -28.91
C SER C 234 -31.76 22.90 -29.18
N THR C 235 -30.68 22.63 -28.44
CA THR C 235 -29.44 23.34 -28.66
C THR C 235 -28.34 22.41 -28.20
N GLU C 236 -27.28 22.35 -29.00
CA GLU C 236 -26.14 21.52 -28.74
C GLU C 236 -24.92 22.28 -29.20
N ILE C 237 -23.92 22.43 -28.32
CA ILE C 237 -22.68 23.08 -28.73
C ILE C 237 -21.58 22.15 -28.22
N PRO C 238 -20.59 21.85 -29.08
CA PRO C 238 -19.51 20.95 -28.66
C PRO C 238 -18.48 21.58 -27.72
N ILE C 239 -17.84 20.74 -26.92
CA ILE C 239 -16.81 21.17 -26.00
C ILE C 239 -15.62 20.29 -26.35
N THR C 240 -14.58 20.89 -26.91
CA THR C 240 -13.38 20.14 -27.25
C THR C 240 -12.29 20.39 -26.20
N LEU C 241 -11.57 19.33 -25.86
CA LEU C 241 -10.53 19.37 -24.85
C LEU C 241 -9.17 19.06 -25.48
N THR C 242 -8.25 20.00 -25.42
CA THR C 242 -6.90 19.83 -25.96
C THR C 242 -5.91 19.98 -24.82
N ILE C 243 -5.11 18.95 -24.57
CA ILE C 243 -4.14 18.95 -23.48
C ILE C 243 -2.74 18.62 -23.98
N ALA C 244 -1.73 19.29 -23.41
CA ALA C 244 -0.34 19.07 -23.79
C ALA C 244 0.53 18.78 -22.58
N PRO C 245 1.16 17.60 -22.54
CA PRO C 245 2.02 17.30 -21.39
C PRO C 245 3.27 18.19 -21.44
N MET C 246 3.84 18.51 -20.29
CA MET C 246 5.02 19.38 -20.23
C MET C 246 6.09 18.84 -19.31
N CYS C 247 7.34 19.04 -19.68
CA CYS C 247 8.47 18.58 -18.88
C CYS C 247 8.34 17.11 -18.52
N CYS C 248 8.17 16.26 -19.52
CA CYS C 248 8.02 14.82 -19.29
C CYS C 248 9.38 14.20 -19.06
N GLU C 249 9.49 13.40 -18.02
CA GLU C 249 10.71 12.67 -17.77
C GLU C 249 10.29 11.34 -17.16
N PHE C 250 10.85 10.26 -17.70
CA PHE C 250 10.52 8.92 -17.27
C PHE C 250 11.75 8.20 -16.77
N ASN C 251 11.55 7.28 -15.82
CA ASN C 251 12.62 6.50 -15.21
C ASN C 251 12.18 5.05 -15.08
N GLY C 252 13.13 4.12 -15.08
CA GLY C 252 12.81 2.71 -14.93
C GLY C 252 12.27 2.01 -16.17
N LEU C 253 13.06 2.03 -17.24
CA LEU C 253 12.69 1.40 -18.51
C LEU C 253 12.77 -0.13 -18.46
N ARG C 254 11.78 -0.78 -19.05
CA ARG C 254 11.69 -2.24 -19.11
C ARG C 254 10.79 -2.58 -20.30
N ASN C 255 10.13 -3.73 -20.23
CA ASN C 255 9.21 -4.15 -21.26
C ASN C 255 7.92 -3.35 -21.11
N ILE C 256 7.14 -3.22 -22.18
CA ILE C 256 5.92 -2.43 -22.11
C ILE C 256 4.78 -3.00 -21.26
N THR C 257 4.07 -2.10 -20.60
CA THR C 257 2.93 -2.45 -19.76
C THR C 257 1.69 -2.50 -20.64
N VAL C 258 0.90 -3.55 -20.45
CA VAL C 258 -0.34 -3.69 -21.20
C VAL C 258 -1.40 -3.93 -20.15
N PRO C 259 -2.08 -2.85 -19.72
CA PRO C 259 -3.12 -2.98 -18.70
C PRO C 259 -4.38 -3.69 -19.17
N ARG C 260 -5.07 -4.32 -18.23
CA ARG C 260 -6.31 -5.03 -18.49
C ARG C 260 -7.38 -3.97 -18.78
N THR C 261 -8.31 -4.29 -19.69
CA THR C 261 -9.36 -3.33 -20.07
C THR C 261 -10.82 -3.79 -19.98
N GLN C 262 -11.71 -2.79 -20.01
CA GLN C 262 -13.20 -2.90 -19.94
C GLN C 262 -13.80 -3.53 -18.65
N GLY D 1 21.69 26.99 26.48
CA GLY D 1 20.79 26.63 25.39
C GLY D 1 19.36 27.12 25.53
N ALA D 2 19.17 28.11 26.41
CA ALA D 2 17.85 28.70 26.64
C ALA D 2 17.48 29.71 25.56
N GLN D 3 16.22 29.67 25.16
CA GLN D 3 15.67 30.56 24.15
C GLN D 3 14.74 31.51 24.90
N VAL D 4 14.99 32.81 24.81
CA VAL D 4 14.14 33.79 25.48
C VAL D 4 13.35 34.64 24.49
N SER D 5 12.03 34.44 24.47
CA SER D 5 11.17 35.20 23.57
C SER D 5 10.28 36.10 24.40
N SER D 6 9.61 37.04 23.75
CA SER D 6 8.72 37.94 24.46
C SER D 6 7.28 37.57 24.17
N GLN D 7 6.42 37.80 25.16
CA GLN D 7 5.00 37.50 25.05
C GLN D 7 4.27 38.72 24.52
N LYS D 8 3.09 38.48 23.97
CA LYS D 8 2.23 39.54 23.45
C LYS D 8 1.23 39.73 24.58
N VAL D 9 1.51 40.68 25.45
CA VAL D 9 0.64 40.94 26.59
C VAL D 9 -0.77 41.44 26.21
N GLY D 10 -1.79 40.68 26.61
CA GLY D 10 -3.18 41.04 26.35
C GLY D 10 -3.68 41.96 27.44
N ALA D 11 -4.13 41.37 28.56
CA ALA D 11 -4.60 42.16 29.69
C ALA D 11 -3.39 42.62 30.52
N HIS D 12 -3.32 43.92 30.76
CA HIS D 12 -2.21 44.51 31.52
C HIS D 12 -2.55 44.78 32.97
N GLU D 13 -1.65 44.36 33.85
CA GLU D 13 -1.79 44.58 35.27
C GLU D 13 -1.35 46.03 35.51
N ASN D 14 -1.77 46.62 36.62
CA ASN D 14 -1.38 47.99 36.95
C ASN D 14 0.07 47.98 37.48
N SER D 15 0.98 47.45 36.68
CA SER D 15 2.41 47.37 36.99
C SER D 15 3.20 47.80 35.79
N ASN D 16 4.44 48.21 36.03
CA ASN D 16 5.32 48.58 34.95
C ASN D 16 5.93 47.28 34.38
N ARG D 17 5.83 46.22 35.19
CA ARG D 17 6.28 44.88 34.83
C ARG D 17 5.40 44.31 33.71
N ALA D 18 4.18 44.86 33.59
CA ALA D 18 3.22 44.43 32.57
C ALA D 18 3.55 45.09 31.22
N TYR D 19 4.48 46.04 31.25
CA TYR D 19 4.85 46.78 30.05
C TYR D 19 6.31 46.62 29.63
N GLY D 20 7.14 46.07 30.51
CA GLY D 20 8.54 45.90 30.17
C GLY D 20 9.25 44.89 31.03
N GLY D 21 10.57 44.75 30.79
CA GLY D 21 11.39 43.83 31.55
C GLY D 21 11.23 42.36 31.19
N SER D 22 11.93 41.50 31.93
CA SER D 22 11.88 40.05 31.71
C SER D 22 10.50 39.52 32.08
N THR D 23 9.71 40.38 32.73
CA THR D 23 8.36 40.05 33.17
C THR D 23 7.37 39.87 32.00
N ILE D 24 7.79 40.26 30.79
CA ILE D 24 6.95 40.07 29.60
C ILE D 24 7.70 39.18 28.59
N ASN D 25 8.65 38.40 29.10
CA ASN D 25 9.44 37.46 28.31
C ASN D 25 9.16 36.09 28.89
N TYR D 26 9.44 35.05 28.11
CA TYR D 26 9.27 33.69 28.58
C TYR D 26 10.50 32.93 28.11
N THR D 27 10.92 31.96 28.91
CA THR D 27 12.11 31.18 28.63
C THR D 27 11.82 29.73 28.23
N THR D 28 12.61 29.22 27.28
CA THR D 28 12.46 27.87 26.75
C THR D 28 13.81 27.13 26.64
N ILE D 29 13.83 25.84 26.97
CA ILE D 29 15.05 25.01 26.86
C ILE D 29 14.61 23.62 26.37
N ASN D 30 15.22 23.12 25.29
CA ASN D 30 14.87 21.80 24.78
C ASN D 30 15.64 20.76 25.58
N TYR D 31 14.94 19.72 25.99
CA TYR D 31 15.54 18.66 26.80
C TYR D 31 15.80 17.40 25.98
N TYR D 32 15.21 17.30 24.79
CA TYR D 32 15.36 16.10 23.99
C TYR D 32 16.16 16.32 22.70
N ARG D 33 16.88 15.28 22.30
CA ARG D 33 17.71 15.31 21.09
C ARG D 33 16.91 15.31 19.80
N ASP D 34 15.79 14.61 19.79
CA ASP D 34 14.93 14.52 18.61
C ASP D 34 14.02 15.73 18.56
N SER D 35 13.99 16.40 17.42
CA SER D 35 13.16 17.59 17.23
C SER D 35 11.66 17.28 17.39
N ALA D 36 11.29 16.01 17.24
CA ALA D 36 9.90 15.60 17.37
C ALA D 36 9.39 15.79 18.80
N SER D 37 10.29 15.71 19.77
CA SER D 37 9.98 15.86 21.18
C SER D 37 9.68 17.29 21.58
N ASN D 38 10.13 18.22 20.74
CA ASN D 38 9.95 19.64 20.98
C ASN D 38 8.48 20.04 20.96
N ALA D 39 8.19 21.14 21.63
CA ALA D 39 6.84 21.69 21.66
C ALA D 39 6.75 22.57 20.40
N ALA D 40 5.60 23.19 20.16
CA ALA D 40 5.49 24.05 18.99
C ALA D 40 5.87 25.46 19.46
N SER D 41 6.73 26.17 18.72
CA SER D 41 7.15 27.51 19.14
C SER D 41 6.00 28.51 19.04
N LYS D 42 5.19 28.30 18.00
CA LYS D 42 4.01 29.11 17.70
C LYS D 42 4.30 30.54 17.21
N GLN D 43 5.56 30.78 16.84
CA GLN D 43 6.00 32.06 16.29
C GLN D 43 5.97 31.76 14.78
N ASP D 44 4.75 31.58 14.26
CA ASP D 44 4.52 31.20 12.88
C ASP D 44 4.21 32.30 11.88
N PHE D 45 4.86 32.23 10.72
CA PHE D 45 4.65 33.24 9.69
C PHE D 45 3.44 33.04 8.78
N ALA D 46 3.15 34.10 8.03
CA ALA D 46 2.03 34.14 7.09
C ALA D 46 2.61 34.24 5.68
N GLN D 47 1.74 34.35 4.69
CA GLN D 47 2.17 34.45 3.30
C GLN D 47 1.10 35.12 2.43
N ASP D 48 1.42 35.29 1.16
CA ASP D 48 0.55 35.90 0.16
C ASP D 48 -0.44 34.84 -0.35
N PRO D 49 -1.75 35.15 -0.34
CA PRO D 49 -2.81 34.24 -0.79
C PRO D 49 -2.89 34.19 -2.31
N SER D 50 -2.15 35.06 -2.97
CA SER D 50 -2.14 35.16 -4.43
C SER D 50 -2.14 33.86 -5.21
N LYS D 51 -1.40 32.85 -4.72
CA LYS D 51 -1.36 31.57 -5.40
C LYS D 51 -2.74 30.91 -5.52
N PHE D 52 -3.67 31.36 -4.69
CA PHE D 52 -5.04 30.86 -4.66
C PHE D 52 -6.04 31.90 -5.14
N THR D 53 -5.87 33.13 -4.65
CA THR D 53 -6.77 34.23 -4.98
C THR D 53 -6.58 34.80 -6.38
N GLU D 54 -5.35 34.78 -6.89
CA GLU D 54 -5.09 35.30 -8.24
C GLU D 54 -4.04 34.51 -9.01
N PRO D 55 -4.32 33.22 -9.32
CA PRO D 55 -3.39 32.36 -10.05
C PRO D 55 -3.40 32.68 -11.54
N ILE D 56 -3.44 33.96 -11.85
CA ILE D 56 -3.50 34.47 -13.21
C ILE D 56 -2.13 34.66 -13.82
N LYS D 57 -2.01 34.33 -15.10
CA LYS D 57 -0.76 34.45 -15.81
C LYS D 57 -0.38 35.91 -16.04
N ASP D 58 -1.27 36.67 -16.65
CA ASP D 58 -1.04 38.10 -16.92
C ASP D 58 -1.66 38.95 -15.79
N VAL D 59 -0.80 39.39 -14.88
CA VAL D 59 -1.20 40.21 -13.72
C VAL D 59 -2.10 41.41 -14.08
N LEU D 60 -3.20 41.55 -13.32
CA LEU D 60 -4.16 42.66 -13.55
C LEU D 60 -4.40 43.59 -12.34
N ILE D 61 -4.60 44.89 -12.61
CA ILE D 61 -4.87 45.88 -11.54
C ILE D 61 -6.38 45.98 -11.31
N LYS D 62 -6.82 46.05 -10.05
CA LYS D 62 -8.25 46.15 -9.74
C LYS D 62 -8.93 47.39 -10.33
N THR D 63 -8.20 48.50 -10.41
CA THR D 63 -8.75 49.74 -10.97
C THR D 63 -8.93 49.60 -12.48
N ALA D 64 -8.01 48.86 -13.10
CA ALA D 64 -8.00 48.63 -14.54
C ALA D 64 -8.96 47.50 -14.96
N PRO D 65 -9.47 47.55 -16.20
CA PRO D 65 -10.40 46.54 -16.75
C PRO D 65 -9.78 45.15 -16.74
N THR D 66 -10.48 44.20 -16.12
CA THR D 66 -10.00 42.82 -16.04
C THR D 66 -9.94 42.21 -17.45
N LEU D 67 -11.04 42.39 -18.20
CA LEU D 67 -11.14 41.90 -19.57
C LEU D 67 -10.68 43.04 -20.45
N ASN D 68 -9.51 42.86 -21.03
CA ASN D 68 -8.91 43.87 -21.88
C ASN D 68 -8.56 43.23 -23.23
N GLY E 1 9.79 24.73 48.48
CA GLY E 1 10.81 24.45 47.42
C GLY E 1 10.44 25.14 46.12
N LEU E 2 11.12 24.78 45.03
CA LEU E 2 10.83 25.35 43.72
C LEU E 2 9.49 24.80 43.21
N PRO E 3 8.55 25.70 42.87
CA PRO E 3 7.24 25.27 42.38
C PRO E 3 7.34 24.58 41.01
N VAL E 4 6.78 23.37 40.93
CA VAL E 4 6.79 22.57 39.69
C VAL E 4 5.37 22.15 39.31
N LEU E 5 5.19 21.75 38.06
CA LEU E 5 3.89 21.33 37.54
C LEU E 5 4.13 20.07 36.72
N ASN E 6 3.49 18.98 37.10
CA ASN E 6 3.64 17.70 36.41
C ASN E 6 2.86 17.62 35.12
N THR E 7 3.58 17.35 34.04
CA THR E 7 2.96 17.27 32.73
C THR E 7 2.59 15.84 32.35
N PRO E 8 1.61 15.68 31.43
CA PRO E 8 1.21 14.33 31.02
C PRO E 8 2.44 13.58 30.49
N GLY E 9 2.51 12.28 30.79
CA GLY E 9 3.64 11.49 30.38
C GLY E 9 4.47 11.17 31.61
N SER E 10 4.19 11.87 32.71
CA SER E 10 4.89 11.65 33.96
C SER E 10 4.63 10.25 34.53
N ASN E 11 5.69 9.63 35.06
CA ASN E 11 5.64 8.30 35.68
C ASN E 11 5.44 7.13 34.74
N GLN E 12 5.54 7.40 33.44
CA GLN E 12 5.37 6.36 32.44
C GLN E 12 6.72 5.73 32.17
N TYR E 13 6.72 4.63 31.44
CA TYR E 13 7.95 3.96 31.07
C TYR E 13 7.94 3.70 29.55
N LEU E 14 8.63 4.57 28.81
CA LEU E 14 8.74 4.44 27.37
C LEU E 14 9.96 3.55 27.14
N THR E 15 9.72 2.40 26.54
CA THR E 15 10.76 1.42 26.25
C THR E 15 11.92 1.97 25.40
N ALA E 16 11.68 3.08 24.71
CA ALA E 16 12.67 3.71 23.84
C ALA E 16 13.17 5.06 24.37
N ASP E 17 12.98 5.33 25.66
CA ASP E 17 13.43 6.59 26.21
C ASP E 17 14.95 6.61 26.36
N ASN E 18 15.49 7.77 26.73
CA ASN E 18 16.91 7.92 26.89
C ASN E 18 17.21 8.89 28.04
N TYR E 19 17.10 8.38 29.26
CA TYR E 19 17.33 9.17 30.47
C TYR E 19 18.50 8.64 31.30
N GLN E 20 18.84 9.38 32.35
CA GLN E 20 19.91 9.00 33.27
C GLN E 20 19.28 8.29 34.45
N SER E 21 20.08 7.49 35.16
CA SER E 21 19.61 6.77 36.33
C SER E 21 20.78 6.53 37.28
N PRO E 22 20.51 6.31 38.57
CA PRO E 22 21.59 6.09 39.52
C PRO E 22 22.35 4.78 39.26
N CYS E 23 23.64 4.79 39.54
CA CYS E 23 24.48 3.63 39.35
C CYS E 23 24.44 2.75 40.60
N ALA E 24 24.08 1.48 40.41
CA ALA E 24 23.98 0.54 41.51
C ALA E 24 25.33 0.04 42.04
N ILE E 25 26.39 0.18 41.25
CA ILE E 25 27.73 -0.23 41.69
C ILE E 25 28.67 0.97 41.51
N PRO E 26 28.57 1.96 42.41
CA PRO E 26 29.42 3.15 42.35
C PRO E 26 30.91 2.91 42.57
N GLU E 27 31.74 3.76 41.97
CA GLU E 27 33.21 3.70 42.07
C GLU E 27 33.86 2.40 41.61
N PHE E 28 33.15 1.65 40.77
CA PHE E 28 33.63 0.38 40.26
C PHE E 28 34.81 0.59 39.31
N ASP E 29 35.89 -0.15 39.52
CA ASP E 29 37.08 -0.07 38.69
C ASP E 29 36.87 -0.88 37.41
N VAL E 30 36.41 -0.20 36.36
CA VAL E 30 36.13 -0.82 35.07
C VAL E 30 37.38 -1.29 34.32
N THR E 31 37.35 -2.54 33.84
CA THR E 31 38.45 -3.11 33.08
C THR E 31 38.57 -2.30 31.79
N PRO E 32 39.75 -1.75 31.49
CA PRO E 32 39.95 -0.97 30.27
C PRO E 32 39.81 -1.82 29.01
N PRO E 33 39.56 -1.20 27.86
CA PRO E 33 39.43 -1.97 26.61
C PRO E 33 40.77 -2.32 25.96
N ILE E 34 40.73 -3.26 25.04
CA ILE E 34 41.93 -3.62 24.28
C ILE E 34 41.48 -3.49 22.82
N ASP E 35 42.44 -3.35 21.92
CA ASP E 35 42.10 -3.20 20.52
C ASP E 35 41.84 -4.57 19.89
N ILE E 36 40.58 -5.00 19.95
CA ILE E 36 40.17 -6.28 19.39
C ILE E 36 39.88 -6.05 17.90
N PRO E 37 40.39 -6.92 17.01
CA PRO E 37 40.15 -6.80 15.58
C PRO E 37 38.68 -7.00 15.21
N GLY E 38 38.24 -6.37 14.13
CA GLY E 38 36.88 -6.53 13.66
C GLY E 38 35.75 -5.79 14.36
N GLU E 39 35.98 -4.55 14.78
CA GLU E 39 34.94 -3.77 15.44
C GLU E 39 33.93 -3.24 14.41
N VAL E 40 32.67 -3.13 14.82
CA VAL E 40 31.61 -2.66 13.94
C VAL E 40 30.98 -1.37 14.52
N ARG E 41 30.69 -0.39 13.66
CA ARG E 41 30.07 0.87 14.09
C ARG E 41 28.64 1.02 13.61
N ASN E 42 28.31 0.42 12.47
CA ASN E 42 26.98 0.53 11.90
C ASN E 42 26.52 -0.81 11.32
N MET E 43 25.25 -1.16 11.51
CA MET E 43 24.68 -2.40 11.00
C MET E 43 24.73 -2.49 9.48
N MET E 44 24.75 -1.34 8.81
CA MET E 44 24.82 -1.31 7.35
C MET E 44 26.13 -1.82 6.79
N GLU E 45 27.15 -1.87 7.63
CA GLU E 45 28.46 -2.38 7.21
C GLU E 45 28.32 -3.85 6.88
N LEU E 46 27.50 -4.54 7.68
CA LEU E 46 27.26 -5.97 7.51
C LEU E 46 26.40 -6.27 6.27
N ALA E 47 25.51 -5.33 5.92
CA ALA E 47 24.64 -5.50 4.77
C ALA E 47 25.40 -5.33 3.44
N GLU E 48 26.62 -4.79 3.52
CA GLU E 48 27.45 -4.56 2.34
C GLU E 48 28.43 -5.68 2.01
N ILE E 49 28.39 -6.76 2.78
CA ILE E 49 29.24 -7.92 2.58
C ILE E 49 28.44 -8.94 1.77
N ASP E 50 29.09 -9.52 0.77
CA ASP E 50 28.45 -10.53 -0.08
C ASP E 50 28.08 -11.75 0.75
N THR E 51 26.85 -12.19 0.60
CA THR E 51 26.33 -13.34 1.31
C THR E 51 25.66 -14.22 0.24
N MET E 52 25.87 -15.53 0.33
CA MET E 52 25.33 -16.48 -0.64
C MET E 52 23.81 -16.62 -0.57
N ILE E 53 23.16 -16.55 -1.72
CA ILE E 53 21.71 -16.62 -1.82
C ILE E 53 21.19 -18.04 -2.02
N PRO E 54 20.20 -18.47 -1.19
CA PRO E 54 19.64 -19.81 -1.35
C PRO E 54 18.60 -19.77 -2.48
N LEU E 55 19.10 -19.73 -3.72
CA LEU E 55 18.30 -19.63 -4.94
C LEU E 55 17.42 -20.83 -5.31
N ASN E 56 17.87 -22.03 -4.97
CA ASN E 56 17.15 -23.24 -5.33
C ASN E 56 16.31 -23.84 -4.20
N LEU E 57 15.18 -23.20 -3.90
CA LEU E 57 14.30 -23.67 -2.84
C LEU E 57 13.27 -24.71 -3.25
N THR E 58 13.65 -25.59 -4.17
CA THR E 58 12.74 -26.65 -4.61
C THR E 58 12.65 -27.65 -3.46
N ASN E 59 11.55 -28.40 -3.40
CA ASN E 59 11.34 -29.36 -2.30
C ASN E 59 12.48 -30.31 -1.95
N GLN E 60 13.21 -30.78 -2.95
CA GLN E 60 14.32 -31.68 -2.68
C GLN E 60 15.61 -30.95 -2.27
N ARG E 61 15.72 -29.69 -2.66
CA ARG E 61 16.91 -28.91 -2.38
C ARG E 61 16.82 -27.94 -1.21
N LYS E 62 15.65 -27.44 -0.92
CA LYS E 62 15.51 -26.48 0.18
C LYS E 62 16.00 -27.11 1.47
N ASN E 63 16.65 -26.29 2.29
CA ASN E 63 17.20 -26.72 3.58
C ASN E 63 18.28 -27.78 3.50
N THR E 64 19.10 -27.70 2.45
CA THR E 64 20.23 -28.57 2.24
C THR E 64 21.25 -27.67 1.55
N MET E 65 22.46 -28.15 1.36
CA MET E 65 23.46 -27.34 0.68
C MET E 65 23.11 -27.11 -0.79
N ASP E 66 22.17 -27.90 -1.30
CA ASP E 66 21.75 -27.78 -2.70
C ASP E 66 20.87 -26.59 -2.98
N MET E 67 20.35 -25.95 -1.94
CA MET E 67 19.51 -24.79 -2.13
C MET E 67 20.34 -23.61 -2.64
N TYR E 68 21.66 -23.70 -2.50
CA TYR E 68 22.56 -22.63 -2.93
C TYR E 68 23.11 -22.85 -4.33
N ARG E 69 22.90 -24.04 -4.88
CA ARG E 69 23.43 -24.37 -6.18
C ARG E 69 22.42 -24.33 -7.31
N VAL E 70 22.71 -23.54 -8.34
CA VAL E 70 21.84 -23.43 -9.50
C VAL E 70 22.65 -24.05 -10.64
N GLU E 71 22.15 -25.15 -11.15
CA GLU E 71 22.82 -25.88 -12.21
C GLU E 71 22.57 -25.43 -13.65
N LEU E 72 23.64 -25.39 -14.43
CA LEU E 72 23.60 -25.02 -15.84
C LEU E 72 24.07 -26.23 -16.65
N ASN E 73 23.85 -26.21 -17.96
CA ASN E 73 24.27 -27.31 -18.83
C ASN E 73 24.60 -26.82 -20.23
N ASP E 74 25.28 -27.66 -20.99
CA ASP E 74 25.68 -27.33 -22.35
C ASP E 74 24.62 -27.54 -23.43
N ALA E 75 23.34 -27.53 -23.05
CA ALA E 75 22.27 -27.73 -24.01
C ALA E 75 22.22 -26.59 -25.01
N ALA E 76 21.57 -26.83 -26.14
CA ALA E 76 21.42 -25.81 -27.18
C ALA E 76 20.71 -24.61 -26.59
N HIS E 77 20.93 -23.45 -27.18
CA HIS E 77 20.33 -22.21 -26.71
C HIS E 77 18.81 -22.25 -26.49
N SER E 78 18.37 -21.74 -25.33
CA SER E 78 16.93 -21.64 -25.02
C SER E 78 16.66 -20.24 -24.51
N ASP E 79 15.43 -19.74 -24.73
CA ASP E 79 15.06 -18.40 -24.28
C ASP E 79 14.35 -18.41 -22.94
N THR E 80 14.24 -19.57 -22.31
CA THR E 80 13.59 -19.68 -21.02
C THR E 80 14.55 -19.32 -19.88
N PRO E 81 14.03 -18.68 -18.83
CA PRO E 81 14.81 -18.27 -17.67
C PRO E 81 15.48 -19.39 -16.90
N ILE E 82 16.68 -19.11 -16.40
CA ILE E 82 17.44 -20.04 -15.60
C ILE E 82 16.92 -19.93 -14.16
N LEU E 83 16.54 -18.71 -13.76
CA LEU E 83 16.00 -18.44 -12.43
C LEU E 83 15.19 -17.17 -12.48
N CYS E 84 14.28 -17.01 -11.51
CA CYS E 84 13.43 -15.83 -11.40
C CYS E 84 13.34 -15.46 -9.93
N LEU E 85 13.31 -14.16 -9.67
CA LEU E 85 13.27 -13.61 -8.33
C LEU E 85 12.51 -12.29 -8.31
N SER E 86 11.97 -11.95 -7.17
CA SER E 86 11.27 -10.69 -7.01
C SER E 86 12.13 -9.81 -6.11
N LEU E 87 12.22 -8.51 -6.43
CA LEU E 87 13.01 -7.61 -5.61
C LEU E 87 12.26 -7.18 -4.34
N SER E 88 12.17 -8.14 -3.41
CA SER E 88 11.56 -7.94 -2.10
C SER E 88 12.62 -8.56 -1.20
N PRO E 89 13.72 -7.82 -0.97
CA PRO E 89 14.87 -8.24 -0.17
C PRO E 89 14.59 -8.75 1.25
N ALA E 90 13.51 -8.26 1.86
CA ALA E 90 13.18 -8.68 3.22
C ALA E 90 12.12 -9.76 3.28
N SER E 91 11.34 -9.90 2.21
CA SER E 91 10.25 -10.88 2.19
C SER E 91 10.34 -12.07 1.24
N ASP E 92 11.00 -11.90 0.09
CA ASP E 92 11.13 -13.02 -0.85
C ASP E 92 11.91 -14.09 -0.09
N PRO E 93 11.40 -15.35 -0.08
CA PRO E 93 12.05 -16.44 0.64
C PRO E 93 13.53 -16.67 0.32
N ARG E 94 13.93 -16.33 -0.90
CA ARG E 94 15.31 -16.50 -1.34
C ARG E 94 16.23 -15.39 -0.87
N LEU E 95 15.67 -14.24 -0.53
CA LEU E 95 16.45 -13.09 -0.07
C LEU E 95 16.32 -12.81 1.43
N ALA E 96 15.16 -13.15 1.99
CA ALA E 96 14.85 -12.92 3.40
C ALA E 96 15.80 -13.51 4.44
N HIS E 97 16.57 -14.53 4.06
CA HIS E 97 17.48 -15.17 5.02
C HIS E 97 18.95 -14.96 4.79
N THR E 98 19.28 -14.06 3.88
CA THR E 98 20.66 -13.72 3.59
C THR E 98 21.03 -12.73 4.70
N MET E 99 22.30 -12.37 4.86
CA MET E 99 22.70 -11.42 5.89
C MET E 99 21.94 -10.11 5.68
N LEU E 100 21.80 -9.70 4.42
CA LEU E 100 21.08 -8.49 4.05
C LEU E 100 19.62 -8.60 4.48
N GLY E 101 18.96 -9.70 4.11
CA GLY E 101 17.57 -9.90 4.48
C GLY E 101 17.34 -10.00 5.98
N GLU E 102 18.28 -10.60 6.70
CA GLU E 102 18.17 -10.73 8.15
C GLU E 102 18.15 -9.39 8.84
N ILE E 103 19.00 -8.47 8.40
CA ILE E 103 19.09 -7.13 8.95
C ILE E 103 17.86 -6.30 8.58
N LEU E 104 17.37 -6.44 7.34
CA LEU E 104 16.19 -5.72 6.87
C LEU E 104 14.95 -6.09 7.66
N ASN E 105 14.96 -7.28 8.27
CA ASN E 105 13.82 -7.72 9.05
C ASN E 105 13.76 -7.17 10.47
N TYR E 106 14.68 -6.25 10.77
CA TYR E 106 14.71 -5.58 12.06
C TYR E 106 14.35 -4.12 11.81
N TYR E 107 13.96 -3.82 10.57
CA TYR E 107 13.59 -2.46 10.17
C TYR E 107 12.34 -2.51 9.32
N THR E 108 11.60 -1.40 9.32
CA THR E 108 10.36 -1.29 8.57
C THR E 108 10.52 -0.71 7.15
N HIS E 109 11.56 0.09 6.91
CA HIS E 109 11.78 0.70 5.60
C HIS E 109 13.20 0.47 5.09
N TRP E 110 13.35 0.37 3.78
CA TRP E 110 14.66 0.21 3.16
C TRP E 110 14.71 1.05 1.88
N ALA E 111 15.90 1.50 1.51
CA ALA E 111 16.07 2.31 0.29
C ALA E 111 17.52 2.18 -0.13
N GLY E 112 17.77 2.22 -1.43
CA GLY E 112 19.12 2.11 -1.91
C GLY E 112 19.28 1.10 -3.02
N SER E 113 20.52 0.99 -3.51
CA SER E 113 20.83 0.08 -4.60
C SER E 113 21.40 -1.23 -4.07
N LEU E 114 21.24 -2.29 -4.83
CA LEU E 114 21.72 -3.62 -4.46
C LEU E 114 22.56 -4.17 -5.61
N LYS E 115 23.39 -5.16 -5.33
CA LYS E 115 24.18 -5.78 -6.36
C LYS E 115 24.24 -7.29 -6.18
N PHE E 116 24.04 -8.01 -7.29
CA PHE E 116 24.06 -9.47 -7.33
C PHE E 116 25.29 -9.96 -8.07
N THR E 117 26.11 -10.76 -7.39
CA THR E 117 27.32 -11.31 -8.00
C THR E 117 27.13 -12.81 -8.20
N PHE E 118 27.48 -13.30 -9.39
CA PHE E 118 27.36 -14.72 -9.69
C PHE E 118 28.71 -15.33 -9.98
N LEU E 119 28.96 -16.48 -9.36
CA LEU E 119 30.22 -17.20 -9.51
C LEU E 119 30.05 -18.44 -10.37
N PHE E 120 30.87 -18.59 -11.41
CA PHE E 120 30.79 -19.76 -12.28
C PHE E 120 31.73 -20.85 -11.74
N CYS E 121 31.16 -21.99 -11.36
CA CYS E 121 31.94 -23.10 -10.81
C CYS E 121 32.09 -24.28 -11.75
N GLY E 122 32.12 -24.01 -13.05
CA GLY E 122 32.30 -25.07 -14.02
C GLY E 122 33.78 -25.25 -14.20
N SER E 123 34.21 -26.11 -15.09
CA SER E 123 35.63 -26.31 -15.29
C SER E 123 36.20 -25.16 -16.10
N MET E 124 37.51 -25.12 -16.21
CA MET E 124 38.19 -24.09 -16.97
C MET E 124 37.89 -24.21 -18.47
N MET E 125 37.62 -25.43 -18.93
CA MET E 125 37.33 -25.69 -20.32
C MET E 125 35.93 -25.27 -20.79
N ALA E 126 35.08 -24.89 -19.84
CA ALA E 126 33.71 -24.48 -20.14
C ALA E 126 33.63 -22.98 -20.44
N THR E 127 32.84 -22.62 -21.45
CA THR E 127 32.67 -21.21 -21.82
C THR E 127 31.17 -20.92 -21.93
N GLY E 128 30.81 -19.66 -22.13
CA GLY E 128 29.41 -19.31 -22.26
C GLY E 128 29.12 -17.85 -21.98
N LYS E 129 27.98 -17.36 -22.45
CA LYS E 129 27.56 -15.97 -22.24
C LYS E 129 26.15 -16.03 -21.66
N LEU E 130 25.92 -15.31 -20.56
CA LEU E 130 24.61 -15.28 -19.90
C LEU E 130 24.11 -13.85 -19.80
N LEU E 131 22.80 -13.68 -19.72
CA LEU E 131 22.21 -12.35 -19.60
C LEU E 131 21.50 -12.24 -18.25
N VAL E 132 21.98 -11.35 -17.39
CA VAL E 132 21.35 -11.14 -16.08
C VAL E 132 20.51 -9.87 -16.25
N SER E 133 19.26 -9.91 -15.78
CA SER E 133 18.34 -8.81 -15.96
C SER E 133 17.57 -8.32 -14.72
N TYR E 134 17.14 -7.07 -14.77
CA TYR E 134 16.33 -6.43 -13.73
C TYR E 134 15.25 -5.59 -14.41
N ALA E 135 13.99 -5.88 -14.12
CA ALA E 135 12.88 -5.15 -14.70
C ALA E 135 12.07 -4.42 -13.63
N PRO E 136 12.07 -3.06 -13.67
CA PRO E 136 11.31 -2.31 -12.68
C PRO E 136 9.84 -2.74 -12.76
N PRO E 137 9.12 -2.71 -11.63
CA PRO E 137 7.71 -3.13 -11.57
C PRO E 137 6.76 -2.42 -12.53
N GLY E 138 5.56 -2.96 -12.69
CA GLY E 138 4.56 -2.32 -13.54
C GLY E 138 4.15 -3.01 -14.82
N ALA E 139 4.98 -3.90 -15.36
CA ALA E 139 4.66 -4.62 -16.58
C ALA E 139 4.68 -6.09 -16.25
N GLU E 140 4.46 -6.91 -17.26
CA GLU E 140 4.49 -8.35 -17.10
C GLU E 140 5.91 -8.83 -16.77
N ALA E 141 6.04 -9.73 -15.81
CA ALA E 141 7.34 -10.27 -15.40
C ALA E 141 7.92 -11.01 -16.60
N PRO E 142 9.16 -10.67 -17.01
CA PRO E 142 9.81 -11.31 -18.15
C PRO E 142 9.88 -12.83 -18.12
N LYS E 143 9.43 -13.44 -19.21
CA LYS E 143 9.43 -14.89 -19.33
C LYS E 143 10.29 -15.42 -20.46
N SER E 144 10.86 -14.50 -21.23
CA SER E 144 11.72 -14.86 -22.34
C SER E 144 12.85 -13.87 -22.31
N ARG E 145 13.96 -14.20 -22.96
CA ARG E 145 15.10 -13.31 -23.00
C ARG E 145 14.72 -12.03 -23.73
N LYS E 146 13.79 -12.15 -24.67
CA LYS E 146 13.36 -11.00 -25.45
C LYS E 146 12.75 -9.89 -24.60
N GLU E 147 12.00 -10.25 -23.56
CA GLU E 147 11.40 -9.26 -22.67
C GLU E 147 12.41 -8.72 -21.65
N ALA E 148 13.24 -9.63 -21.14
CA ALA E 148 14.26 -9.30 -20.14
C ALA E 148 15.29 -8.32 -20.67
N MET E 149 15.69 -8.51 -21.91
CA MET E 149 16.67 -7.67 -22.57
C MET E 149 16.24 -6.20 -22.71
N LEU E 150 14.95 -5.91 -22.53
CA LEU E 150 14.41 -4.56 -22.63
C LEU E 150 14.59 -3.74 -21.35
N GLY E 151 15.01 -4.40 -20.27
CA GLY E 151 15.21 -3.73 -19.01
C GLY E 151 16.69 -3.65 -18.70
N THR E 152 17.03 -3.34 -17.45
CA THR E 152 18.41 -3.25 -17.02
C THR E 152 19.04 -4.64 -17.11
N HIS E 153 20.18 -4.76 -17.79
CA HIS E 153 20.80 -6.06 -17.90
C HIS E 153 22.30 -6.00 -18.14
N VAL E 154 23.00 -7.06 -17.74
CA VAL E 154 24.44 -7.18 -17.92
C VAL E 154 24.71 -8.51 -18.65
N ILE E 155 25.41 -8.44 -19.78
CA ILE E 155 25.74 -9.65 -20.55
C ILE E 155 27.10 -10.12 -20.04
N TRP E 156 27.06 -11.23 -19.31
CA TRP E 156 28.21 -11.85 -18.69
C TRP E 156 28.94 -12.83 -19.59
N ASP E 157 30.21 -12.54 -19.87
CA ASP E 157 31.03 -13.44 -20.67
C ASP E 157 31.92 -14.18 -19.69
N ILE E 158 31.82 -15.51 -19.70
CA ILE E 158 32.60 -16.36 -18.81
C ILE E 158 34.06 -16.54 -19.25
N GLY E 159 34.97 -16.44 -18.30
CA GLY E 159 36.39 -16.58 -18.60
C GLY E 159 37.21 -16.47 -17.34
N LEU E 160 38.40 -15.91 -17.44
CA LEU E 160 39.32 -15.73 -16.29
C LEU E 160 38.67 -15.14 -15.04
N GLN E 161 38.02 -13.98 -15.18
CA GLN E 161 37.34 -13.35 -14.07
C GLN E 161 36.10 -14.23 -13.94
N SER E 162 36.11 -15.07 -12.91
CA SER E 162 35.05 -16.02 -12.65
C SER E 162 33.66 -15.48 -12.32
N SER E 163 33.61 -14.27 -11.77
CA SER E 163 32.34 -13.69 -11.36
C SER E 163 31.89 -12.47 -12.16
N CYS E 164 30.61 -12.15 -12.02
CA CYS E 164 30.01 -11.00 -12.68
C CYS E 164 28.98 -10.39 -11.74
N THR E 165 29.00 -9.07 -11.65
CA THR E 165 28.10 -8.31 -10.79
C THR E 165 27.10 -7.49 -11.59
N MET E 166 25.84 -7.55 -11.18
CA MET E 166 24.79 -6.76 -11.81
C MET E 166 24.26 -5.87 -10.70
N VAL E 167 24.28 -4.56 -10.92
CA VAL E 167 23.77 -3.62 -9.94
C VAL E 167 22.30 -3.33 -10.25
N VAL E 168 21.46 -3.47 -9.23
CA VAL E 168 20.04 -3.21 -9.33
C VAL E 168 19.94 -1.78 -8.77
N PRO E 169 19.83 -0.77 -9.65
CA PRO E 169 19.75 0.64 -9.23
C PRO E 169 18.49 0.95 -8.45
N TRP E 170 18.56 1.99 -7.62
CA TRP E 170 17.40 2.43 -6.87
C TRP E 170 16.46 3.15 -7.82
N ILE E 171 15.41 2.47 -8.26
CA ILE E 171 14.40 3.07 -9.13
C ILE E 171 13.11 2.84 -8.37
N SER E 172 12.62 3.89 -7.71
CA SER E 172 11.40 3.79 -6.92
C SER E 172 10.57 5.04 -6.99
N ASN E 173 9.29 4.91 -6.67
CA ASN E 173 8.41 6.07 -6.65
C ASN E 173 8.47 6.69 -5.26
N THR E 174 8.37 5.86 -4.24
CA THR E 174 8.44 6.32 -2.86
C THR E 174 9.89 6.50 -2.44
N THR E 175 10.13 7.33 -1.42
CA THR E 175 11.49 7.59 -0.96
C THR E 175 12.10 6.40 -0.21
N TYR E 176 11.23 5.53 0.29
CA TYR E 176 11.60 4.32 1.03
C TYR E 176 10.58 3.24 0.69
N ARG E 177 11.03 1.99 0.66
CA ARG E 177 10.12 0.87 0.41
C ARG E 177 9.90 0.14 1.72
N GLN E 178 8.87 -0.70 1.79
CA GLN E 178 8.58 -1.46 3.00
C GLN E 178 9.26 -2.81 2.94
N THR E 179 9.56 -3.35 4.12
CA THR E 179 10.21 -4.65 4.21
C THR E 179 9.21 -5.82 4.19
N ILE E 180 8.00 -5.57 3.71
CA ILE E 180 6.97 -6.61 3.62
C ILE E 180 6.52 -6.69 2.17
N ASN E 181 5.87 -7.77 1.79
CA ASN E 181 5.36 -7.88 0.42
C ASN E 181 4.16 -6.94 0.36
N ASP E 182 4.28 -5.88 -0.42
CA ASP E 182 3.22 -4.91 -0.58
C ASP E 182 3.36 -4.38 -2.00
N SER E 183 2.26 -4.40 -2.75
CA SER E 183 2.27 -3.95 -4.14
C SER E 183 2.59 -2.48 -4.32
N PHE E 184 2.17 -1.66 -3.36
CA PHE E 184 2.43 -0.25 -3.48
C PHE E 184 3.93 0.05 -3.55
N THR E 185 4.72 -0.72 -2.82
CA THR E 185 6.17 -0.57 -2.79
C THR E 185 6.90 -1.76 -3.41
N GLU E 186 6.33 -2.32 -4.46
CA GLU E 186 6.94 -3.47 -5.15
C GLU E 186 8.21 -3.05 -5.87
N GLY E 187 9.20 -3.94 -5.92
CA GLY E 187 10.48 -3.62 -6.54
C GLY E 187 10.84 -4.08 -7.94
N GLY E 188 10.17 -5.08 -8.48
CA GLY E 188 10.52 -5.53 -9.81
C GLY E 188 11.00 -6.96 -9.86
N TYR E 189 11.55 -7.36 -11.01
CA TYR E 189 11.99 -8.75 -11.20
C TYR E 189 13.42 -8.94 -11.64
N ILE E 190 14.05 -9.97 -11.10
CA ILE E 190 15.42 -10.34 -11.47
C ILE E 190 15.31 -11.70 -12.18
N SER E 191 15.98 -11.85 -13.30
CA SER E 191 15.98 -13.12 -14.04
C SER E 191 17.29 -13.32 -14.80
N MET E 192 17.58 -14.56 -15.17
CA MET E 192 18.79 -14.88 -15.90
C MET E 192 18.44 -15.76 -17.10
N PHE E 193 19.14 -15.56 -18.21
CA PHE E 193 18.91 -16.33 -19.43
C PHE E 193 20.25 -16.68 -20.06
N TYR E 194 20.24 -17.60 -21.01
CA TYR E 194 21.44 -17.96 -21.74
C TYR E 194 21.49 -16.97 -22.88
N GLN E 195 22.65 -16.36 -23.11
CA GLN E 195 22.80 -15.42 -24.22
C GLN E 195 23.12 -16.27 -25.47
N THR E 196 24.11 -17.14 -25.33
CA THR E 196 24.49 -18.07 -26.38
C THR E 196 24.17 -19.43 -25.76
N ARG E 197 25.18 -20.13 -25.25
CA ARG E 197 24.97 -21.39 -24.57
C ARG E 197 26.27 -21.79 -23.90
N VAL E 198 26.21 -22.69 -22.93
CA VAL E 198 27.42 -23.16 -22.27
C VAL E 198 28.00 -24.20 -23.22
N VAL E 199 29.28 -24.09 -23.52
CA VAL E 199 29.95 -25.02 -24.42
C VAL E 199 31.14 -25.64 -23.73
N VAL E 200 31.26 -26.96 -23.80
CA VAL E 200 32.39 -27.68 -23.21
C VAL E 200 32.92 -28.65 -24.26
N PRO E 201 34.23 -28.98 -24.20
CA PRO E 201 34.80 -29.94 -25.16
C PRO E 201 34.52 -31.38 -24.67
N LEU E 202 35.16 -32.36 -25.26
CA LEU E 202 34.96 -33.74 -24.81
C LEU E 202 35.73 -33.97 -23.49
N SER E 203 35.35 -35.01 -22.74
CA SER E 203 35.99 -35.35 -21.47
C SER E 203 35.84 -34.28 -20.38
N THR E 204 34.80 -33.46 -20.53
CA THR E 204 34.54 -32.37 -19.60
C THR E 204 33.09 -32.47 -19.12
N PRO E 205 32.83 -32.15 -17.85
CA PRO E 205 31.47 -32.20 -17.29
C PRO E 205 30.53 -31.25 -18.06
N ARG E 206 29.34 -31.74 -18.43
CA ARG E 206 28.38 -30.95 -19.20
C ARG E 206 27.39 -30.15 -18.36
N LYS E 207 27.44 -30.35 -17.05
CA LYS E 207 26.58 -29.64 -16.11
C LYS E 207 27.48 -29.08 -15.02
N MET E 208 27.19 -27.87 -14.57
CA MET E 208 27.99 -27.23 -13.54
C MET E 208 27.12 -26.26 -12.78
N ASP E 209 27.59 -25.82 -11.62
CA ASP E 209 26.83 -24.90 -10.79
C ASP E 209 27.34 -23.47 -10.86
N ILE E 210 26.46 -22.56 -10.48
CA ILE E 210 26.79 -21.14 -10.35
C ILE E 210 26.23 -20.82 -8.97
N LEU E 211 26.86 -19.90 -8.26
CA LEU E 211 26.41 -19.50 -6.93
C LEU E 211 26.10 -18.01 -7.00
N GLY E 212 25.07 -17.57 -6.30
CA GLY E 212 24.70 -16.18 -6.30
C GLY E 212 24.98 -15.51 -4.97
N PHE E 213 25.35 -14.24 -5.01
CA PHE E 213 25.64 -13.45 -3.82
C PHE E 213 24.90 -12.13 -3.89
N VAL E 214 24.49 -11.61 -2.73
CA VAL E 214 23.79 -10.32 -2.68
C VAL E 214 24.35 -9.44 -1.55
N SER E 215 24.49 -8.15 -1.83
CA SER E 215 24.98 -7.17 -0.86
C SER E 215 24.40 -5.81 -1.20
N ALA E 216 24.42 -4.89 -0.25
CA ALA E 216 23.90 -3.54 -0.43
C ALA E 216 24.98 -2.59 -0.94
N CYS E 217 24.57 -1.58 -1.71
CA CYS E 217 25.52 -0.58 -2.21
C CYS E 217 25.71 0.50 -1.15
N ASN E 218 26.63 1.43 -1.41
CA ASN E 218 26.94 2.51 -0.48
C ASN E 218 25.87 3.59 -0.26
N ASP E 219 24.73 3.47 -0.95
CA ASP E 219 23.66 4.44 -0.83
C ASP E 219 22.44 3.79 -0.18
N PHE E 220 22.66 2.63 0.45
CA PHE E 220 21.61 1.85 1.07
C PHE E 220 21.39 2.27 2.53
N SER E 221 20.13 2.39 2.94
CA SER E 221 19.80 2.73 4.31
C SER E 221 18.46 2.11 4.70
N VAL E 222 18.27 1.93 6.01
CA VAL E 222 17.05 1.36 6.57
C VAL E 222 16.59 2.26 7.71
N ARG E 223 15.32 2.20 8.08
CA ARG E 223 14.82 3.01 9.20
C ARG E 223 13.61 2.34 9.86
N LEU E 224 13.24 2.85 11.03
CA LEU E 224 12.14 2.35 11.88
C LEU E 224 12.40 0.93 12.40
N LEU E 225 13.17 0.85 13.49
CA LEU E 225 13.52 -0.41 14.11
C LEU E 225 12.25 -1.14 14.56
N ARG E 226 12.16 -2.41 14.21
CA ARG E 226 11.03 -3.25 14.57
C ARG E 226 11.53 -4.64 14.94
N ASP E 227 10.62 -5.47 15.38
CA ASP E 227 10.96 -6.84 15.75
C ASP E 227 10.87 -7.78 14.57
N THR E 228 11.77 -8.74 14.52
CA THR E 228 11.81 -9.71 13.44
C THR E 228 10.86 -10.88 13.70
N THR E 229 10.44 -11.51 12.61
CA THR E 229 9.58 -12.69 12.72
C THR E 229 10.47 -13.94 12.59
N HIS E 230 11.77 -13.73 12.39
CA HIS E 230 12.73 -14.81 12.23
C HIS E 230 13.17 -15.53 13.50
N ILE E 231 12.61 -15.15 14.64
CA ILE E 231 12.92 -15.79 15.92
C ILE E 231 11.65 -15.75 16.77
N SER E 232 11.34 -16.88 17.40
CA SER E 232 10.16 -17.00 18.25
C SER E 232 10.52 -17.76 19.51
N GLN E 233 9.56 -17.86 20.41
CA GLN E 233 9.76 -18.58 21.66
C GLN E 233 8.41 -19.10 22.16
N GLU E 234 8.30 -20.42 22.20
CA GLU E 234 7.07 -21.09 22.65
C GLU E 234 7.18 -21.33 24.14
N ALA E 235 6.14 -20.92 24.87
CA ALA E 235 6.09 -21.07 26.34
C ALA E 235 7.30 -20.37 27.04
#